data_2FTK
#
_entry.id   2FTK
#
_cell.length_a   73.467
_cell.length_b   118.331
_cell.length_c   168.235
_cell.angle_alpha   90.00
_cell.angle_beta   90.00
_cell.angle_gamma   90.00
#
_symmetry.space_group_name_H-M   'P 21 21 21'
#
loop_
_entity.id
_entity.type
_entity.pdbx_description
1 polymer 'Sporulation initiation phosphotransferase B'
2 polymer 'Sporulation initiation phosphotransferase F'
3 non-polymer 'MAGNESIUM ION'
#
loop_
_entity_poly.entity_id
_entity_poly.type
_entity_poly.pdbx_seq_one_letter_code
_entity_poly.pdbx_strand_id
1 'polypeptide(L)'
;MKDVSKNQEENISDTALTNELIHLLGHSRHDWMNKLQLIKGNLSLQKYDRVFEMIEEMVIDAKHESKLSNLKTPHLAFDF
LTFNWKTHYMTLEYEVLGEIKDLSAYDQKLAKLMRKLFHLFDQAVSRESENHLTVSLQTDHPDRQLILYLDFHGAFADPS
AFDDIRQNGYEDVDIMRFEITSHECLIEIGLD
;
A,B,C,D
2 'polypeptide(L)'
;MMNEKILIVDDQSGIRILLNEVFNKEGYQTFQAANGLQALDIVTKERPDLVLL(BFD)MKIPGMDGIEILKRMKVIDENI
RVIIMTAYGELDMIQESKELGALTHFAKPFDIDEIRDAVKKYLPLKSN
;
E,F,G,H
#
loop_
_chem_comp.id
_chem_comp.type
_chem_comp.name
_chem_comp.formula
MG non-polymer 'MAGNESIUM ION' 'Mg 2'
#
# COMPACT_ATOMS: atom_id res chain seq x y z
N ILE A 12 -15.54 12.48 28.88
CA ILE A 12 -14.90 12.95 30.14
C ILE A 12 -15.40 12.13 31.35
N SER A 13 -16.41 12.66 32.04
CA SER A 13 -17.01 12.00 33.21
C SER A 13 -16.33 12.34 34.54
N ASP A 14 -16.92 11.84 35.62
CA ASP A 14 -16.42 12.08 36.97
C ASP A 14 -14.97 11.62 37.15
N THR A 15 -14.19 12.41 37.87
CA THR A 15 -12.80 12.07 38.09
C THR A 15 -12.64 10.80 38.89
N ALA A 16 -13.67 10.47 39.68
CA ALA A 16 -13.63 9.26 40.50
C ALA A 16 -13.69 8.03 39.59
N LEU A 17 -14.68 8.01 38.72
CA LEU A 17 -14.85 6.90 37.79
C LEU A 17 -13.64 6.81 36.87
N THR A 18 -13.28 7.93 36.23
CA THR A 18 -12.15 8.01 35.31
C THR A 18 -10.90 7.30 35.83
N ASN A 19 -10.67 7.43 37.12
CA ASN A 19 -9.50 6.82 37.71
C ASN A 19 -9.66 5.34 37.98
N GLU A 20 -10.90 4.91 38.14
CA GLU A 20 -11.15 3.52 38.42
C GLU A 20 -11.00 2.72 37.16
N LEU A 21 -11.56 3.23 36.08
CA LEU A 21 -11.50 2.56 34.81
C LEU A 21 -10.07 2.36 34.34
N ILE A 22 -9.22 3.35 34.62
CA ILE A 22 -7.82 3.28 34.25
C ILE A 22 -7.14 2.19 35.06
N HIS A 23 -7.52 2.09 36.32
CA HIS A 23 -6.96 1.09 37.23
C HIS A 23 -7.34 -0.28 36.72
N LEU A 24 -8.60 -0.43 36.33
CA LEU A 24 -9.08 -1.71 35.84
C LEU A 24 -8.40 -2.11 34.53
N LEU A 25 -8.49 -1.27 33.52
CA LEU A 25 -7.85 -1.57 32.27
C LEU A 25 -6.40 -1.95 32.57
N GLY A 26 -5.86 -1.34 33.60
CA GLY A 26 -4.49 -1.64 33.97
C GLY A 26 -4.35 -3.12 34.24
N HIS A 27 -5.27 -3.68 35.00
CA HIS A 27 -5.24 -5.10 35.32
C HIS A 27 -5.43 -5.93 34.06
N SER A 28 -6.50 -5.64 33.33
CA SER A 28 -6.77 -6.40 32.13
C SER A 28 -5.49 -6.44 31.31
N ARG A 29 -4.85 -5.30 31.17
CA ARG A 29 -3.62 -5.22 30.40
C ARG A 29 -2.59 -6.18 30.96
N HIS A 30 -2.35 -6.12 32.27
CA HIS A 30 -1.37 -7.00 32.87
C HIS A 30 -1.68 -8.45 32.54
N ASP A 31 -2.96 -8.83 32.58
CA ASP A 31 -3.37 -10.19 32.27
C ASP A 31 -2.96 -10.58 30.86
N TRP A 32 -3.44 -9.83 29.87
CA TRP A 32 -3.09 -10.12 28.48
C TRP A 32 -1.58 -10.20 28.26
N MET A 33 -0.81 -9.42 28.98
CA MET A 33 0.62 -9.50 28.79
C MET A 33 1.07 -10.89 29.20
N ASN A 34 0.38 -11.49 30.18
CA ASN A 34 0.74 -12.84 30.61
C ASN A 34 0.27 -13.82 29.56
N LYS A 35 -0.95 -13.62 29.08
CA LYS A 35 -1.46 -14.52 28.06
C LYS A 35 -0.51 -14.50 26.86
N LEU A 36 0.02 -13.33 26.51
CA LEU A 36 0.95 -13.24 25.39
C LEU A 36 2.22 -13.96 25.78
N GLN A 37 2.59 -13.85 27.04
CA GLN A 37 3.77 -14.52 27.53
C GLN A 37 3.62 -16.01 27.22
N LEU A 38 2.43 -16.54 27.48
CA LEU A 38 2.16 -17.94 27.21
C LEU A 38 2.25 -18.23 25.73
N ILE A 39 1.61 -17.43 24.91
CA ILE A 39 1.67 -17.68 23.49
C ILE A 39 3.10 -17.57 22.99
N LYS A 40 3.74 -16.43 23.25
CA LYS A 40 5.11 -16.21 22.81
C LYS A 40 6.03 -17.32 23.31
N GLY A 41 5.93 -17.63 24.60
CA GLY A 41 6.77 -18.66 25.18
C GLY A 41 6.71 -19.98 24.43
N ASN A 42 5.50 -20.50 24.27
CA ASN A 42 5.30 -21.76 23.57
C ASN A 42 5.58 -21.64 22.09
N LEU A 43 5.45 -20.43 21.57
CA LEU A 43 5.70 -20.21 20.17
C LEU A 43 7.17 -20.42 19.92
N SER A 44 7.99 -20.07 20.91
CA SER A 44 9.43 -20.22 20.78
C SER A 44 9.84 -21.68 20.98
N LEU A 45 9.20 -22.34 21.92
CA LEU A 45 9.48 -23.75 22.20
C LEU A 45 8.99 -24.59 21.03
N GLN A 46 8.44 -23.93 20.02
CA GLN A 46 7.91 -24.59 18.84
C GLN A 46 6.79 -25.59 19.12
N LYS A 47 5.96 -25.30 20.13
CA LYS A 47 4.84 -26.16 20.46
C LYS A 47 3.57 -25.56 19.83
N TYR A 48 3.61 -25.43 18.50
CA TYR A 48 2.51 -24.84 17.75
C TYR A 48 1.14 -25.36 18.12
N ASP A 49 0.98 -26.68 18.13
CA ASP A 49 -0.32 -27.22 18.46
C ASP A 49 -0.80 -26.70 19.82
N ARG A 50 0.14 -26.45 20.73
CA ARG A 50 -0.17 -25.95 22.07
C ARG A 50 -0.68 -24.53 22.02
N VAL A 51 -0.07 -23.72 21.17
CA VAL A 51 -0.46 -22.34 21.02
C VAL A 51 -1.91 -22.21 20.62
N PHE A 52 -2.31 -22.93 19.58
CA PHE A 52 -3.68 -22.87 19.12
C PHE A 52 -4.59 -23.27 20.27
N GLU A 53 -4.17 -24.27 21.03
CA GLU A 53 -4.99 -24.73 22.15
C GLU A 53 -5.21 -23.60 23.14
N MET A 54 -4.14 -22.94 23.55
CA MET A 54 -4.25 -21.83 24.48
C MET A 54 -5.12 -20.71 23.89
N ILE A 55 -4.85 -20.33 22.65
CA ILE A 55 -5.64 -19.29 22.02
C ILE A 55 -7.12 -19.63 22.11
N GLU A 56 -7.45 -20.90 21.91
CA GLU A 56 -8.84 -21.29 22.00
C GLU A 56 -9.37 -21.09 23.39
N GLU A 57 -8.59 -21.47 24.39
CA GLU A 57 -9.01 -21.30 25.77
C GLU A 57 -9.32 -19.84 26.02
N MET A 58 -8.43 -18.97 25.54
CA MET A 58 -8.60 -17.52 25.70
C MET A 58 -9.89 -17.07 25.05
N VAL A 59 -10.14 -17.58 23.86
CA VAL A 59 -11.36 -17.22 23.14
C VAL A 59 -12.57 -17.65 23.92
N ILE A 60 -12.54 -18.85 24.50
CA ILE A 60 -13.69 -19.32 25.26
C ILE A 60 -13.87 -18.47 26.51
N ASP A 61 -12.81 -18.32 27.30
CA ASP A 61 -12.92 -17.50 28.51
C ASP A 61 -13.59 -16.18 28.16
N ALA A 62 -13.18 -15.60 27.03
CA ALA A 62 -13.73 -14.35 26.53
C ALA A 62 -15.21 -14.49 26.26
N LYS A 63 -15.62 -15.57 25.61
CA LYS A 63 -17.02 -15.79 25.30
C LYS A 63 -17.88 -15.70 26.57
N HIS A 64 -17.47 -16.39 27.61
CA HIS A 64 -18.25 -16.35 28.83
C HIS A 64 -18.19 -15.00 29.48
N GLU A 65 -17.10 -14.28 29.25
CA GLU A 65 -16.94 -12.94 29.80
C GLU A 65 -18.03 -12.07 29.16
N SER A 66 -18.27 -12.26 27.87
CA SER A 66 -19.27 -11.49 27.16
C SER A 66 -20.70 -11.89 27.53
N LYS A 67 -20.96 -13.19 27.63
CA LYS A 67 -22.31 -13.66 27.99
C LYS A 67 -22.67 -13.11 29.35
N LEU A 68 -21.74 -13.19 30.30
CA LEU A 68 -22.01 -12.69 31.62
C LEU A 68 -22.33 -11.20 31.55
N SER A 69 -21.69 -10.49 30.62
CA SER A 69 -21.94 -9.06 30.48
C SER A 69 -23.23 -8.76 29.75
N ASN A 70 -23.92 -9.79 29.28
CA ASN A 70 -25.17 -9.60 28.56
C ASN A 70 -26.40 -10.21 29.21
N LEU A 71 -26.37 -10.39 30.51
CA LEU A 71 -27.53 -10.94 31.19
C LEU A 71 -28.25 -9.81 31.93
N LYS A 72 -27.86 -8.56 31.63
CA LYS A 72 -28.49 -7.41 32.28
C LYS A 72 -28.28 -7.50 33.78
N THR A 73 -27.18 -8.12 34.17
CA THR A 73 -26.82 -8.31 35.57
C THR A 73 -25.45 -7.67 35.79
N PRO A 74 -25.38 -6.33 35.65
CA PRO A 74 -24.14 -5.53 35.81
C PRO A 74 -23.35 -5.77 37.08
N HIS A 75 -24.02 -5.60 38.22
CA HIS A 75 -23.36 -5.77 39.50
C HIS A 75 -22.71 -7.14 39.68
N LEU A 76 -23.38 -8.19 39.22
CA LEU A 76 -22.82 -9.53 39.31
C LEU A 76 -21.64 -9.60 38.34
N ALA A 77 -21.90 -9.25 37.09
CA ALA A 77 -20.85 -9.26 36.07
C ALA A 77 -19.61 -8.50 36.54
N PHE A 78 -19.81 -7.34 37.14
CA PHE A 78 -18.69 -6.55 37.61
C PHE A 78 -17.92 -7.28 38.69
N ASP A 79 -18.61 -7.93 39.61
CA ASP A 79 -17.94 -8.67 40.68
C ASP A 79 -17.12 -9.83 40.17
N PHE A 80 -17.66 -10.57 39.19
CA PHE A 80 -16.93 -11.69 38.62
C PHE A 80 -15.77 -11.20 37.77
N LEU A 81 -16.05 -10.22 36.92
CA LEU A 81 -15.06 -9.65 36.03
C LEU A 81 -13.86 -9.08 36.75
N THR A 82 -14.06 -8.55 37.93
CA THR A 82 -12.96 -7.96 38.69
C THR A 82 -12.45 -8.80 39.85
N PHE A 83 -13.07 -9.93 40.08
CA PHE A 83 -12.68 -10.77 41.20
C PHE A 83 -11.17 -11.04 41.29
N ASN A 84 -10.56 -11.61 40.26
CA ASN A 84 -9.15 -11.92 40.37
C ASN A 84 -8.24 -10.72 40.49
N TRP A 85 -8.80 -9.52 40.36
CA TRP A 85 -7.95 -8.34 40.48
C TRP A 85 -7.94 -7.85 41.93
N LYS A 86 -8.93 -8.28 42.70
CA LYS A 86 -9.03 -7.93 44.10
C LYS A 86 -8.28 -9.02 44.85
N THR A 87 -8.03 -8.83 46.14
CA THR A 87 -7.30 -9.86 46.89
C THR A 87 -8.17 -11.00 47.41
N HIS A 88 -7.80 -12.22 47.03
CA HIS A 88 -8.51 -13.42 47.44
C HIS A 88 -7.54 -14.61 47.49
N TYR A 89 -7.95 -15.65 48.23
CA TYR A 89 -7.10 -16.81 48.39
C TYR A 89 -7.51 -17.97 47.50
N MET A 90 -8.22 -17.64 46.43
CA MET A 90 -8.67 -18.62 45.45
C MET A 90 -8.87 -17.89 44.14
N THR A 91 -8.80 -18.61 43.03
CA THR A 91 -9.01 -17.95 41.76
C THR A 91 -10.39 -18.31 41.23
N LEU A 92 -11.06 -17.32 40.68
CA LEU A 92 -12.39 -17.52 40.16
C LEU A 92 -12.44 -17.69 38.66
N GLU A 93 -13.20 -18.67 38.20
CA GLU A 93 -13.40 -18.95 36.79
C GLU A 93 -14.91 -19.11 36.69
N TYR A 94 -15.51 -18.65 35.62
CA TYR A 94 -16.95 -18.73 35.53
C TYR A 94 -17.44 -19.00 34.12
N GLU A 95 -18.64 -19.54 34.02
CA GLU A 95 -19.22 -19.81 32.72
C GLU A 95 -20.71 -19.59 32.81
N VAL A 96 -21.30 -19.27 31.67
CA VAL A 96 -22.72 -19.06 31.60
C VAL A 96 -23.20 -20.15 30.65
N LEU A 97 -23.97 -21.10 31.18
CA LEU A 97 -24.46 -22.18 30.37
C LEU A 97 -25.90 -21.90 29.93
N GLY A 98 -26.11 -21.85 28.62
CA GLY A 98 -27.44 -21.60 28.10
C GLY A 98 -27.46 -20.27 27.39
N GLU A 99 -28.53 -20.01 26.65
CA GLU A 99 -28.67 -18.75 25.91
C GLU A 99 -28.77 -17.61 26.92
N ILE A 100 -28.43 -16.39 26.50
CA ILE A 100 -28.51 -15.29 27.44
C ILE A 100 -29.98 -15.00 27.73
N LYS A 101 -30.22 -14.34 28.85
CA LYS A 101 -31.56 -14.02 29.30
C LYS A 101 -31.48 -12.72 30.10
N ASP A 102 -32.61 -12.05 30.29
CA ASP A 102 -32.64 -10.82 31.05
C ASP A 102 -32.82 -11.15 32.53
N LEU A 103 -31.74 -11.62 33.16
CA LEU A 103 -31.78 -12.00 34.57
C LEU A 103 -31.68 -10.79 35.49
N SER A 104 -31.88 -9.60 34.93
CA SER A 104 -31.78 -8.37 35.70
C SER A 104 -32.55 -8.41 37.00
N ALA A 105 -33.70 -9.05 36.99
CA ALA A 105 -34.53 -9.16 38.19
C ALA A 105 -33.76 -9.82 39.34
N TYR A 106 -32.62 -10.43 39.02
CA TYR A 106 -31.82 -11.13 39.99
C TYR A 106 -30.46 -10.57 40.24
N ASP A 107 -30.09 -9.54 39.49
CA ASP A 107 -28.77 -8.92 39.62
C ASP A 107 -28.40 -8.68 41.10
N GLN A 108 -29.16 -7.82 41.76
CA GLN A 108 -28.91 -7.54 43.16
C GLN A 108 -28.80 -8.76 44.03
N LYS A 109 -29.75 -9.66 43.87
CA LYS A 109 -29.78 -10.85 44.68
C LYS A 109 -28.53 -11.70 44.51
N LEU A 110 -28.25 -12.09 43.27
CA LEU A 110 -27.09 -12.91 42.95
C LEU A 110 -25.80 -12.25 43.44
N ALA A 111 -25.61 -10.98 43.09
CA ALA A 111 -24.40 -10.28 43.50
C ALA A 111 -24.19 -10.43 45.01
N LYS A 112 -25.22 -10.11 45.78
CA LYS A 112 -25.10 -10.18 47.24
C LYS A 112 -24.79 -11.59 47.69
N LEU A 113 -25.45 -12.55 47.07
CA LEU A 113 -25.24 -13.94 47.41
C LEU A 113 -23.79 -14.37 47.21
N MET A 114 -23.27 -14.11 46.02
CA MET A 114 -21.91 -14.49 45.71
C MET A 114 -20.91 -13.78 46.61
N ARG A 115 -21.20 -12.53 46.94
CA ARG A 115 -20.29 -11.77 47.79
C ARG A 115 -20.19 -12.54 49.09
N LYS A 116 -21.33 -13.04 49.56
CA LYS A 116 -21.41 -13.79 50.80
C LYS A 116 -20.55 -15.07 50.68
N LEU A 117 -20.87 -15.89 49.70
CA LEU A 117 -20.14 -17.13 49.47
C LEU A 117 -18.63 -16.88 49.35
N PHE A 118 -18.25 -15.96 48.48
CA PHE A 118 -16.84 -15.65 48.31
C PHE A 118 -16.20 -15.34 49.65
N HIS A 119 -16.91 -14.57 50.46
CA HIS A 119 -16.39 -14.21 51.76
C HIS A 119 -16.17 -15.46 52.61
N LEU A 120 -17.11 -16.39 52.56
CA LEU A 120 -16.98 -17.61 53.34
C LEU A 120 -15.76 -18.39 52.89
N PHE A 121 -15.62 -18.57 51.59
CA PHE A 121 -14.47 -19.32 51.09
C PHE A 121 -13.18 -18.69 51.55
N ASP A 122 -13.16 -17.36 51.59
CA ASP A 122 -11.98 -16.66 52.01
C ASP A 122 -11.54 -17.06 53.41
N GLN A 123 -12.51 -17.22 54.30
CA GLN A 123 -12.16 -17.61 55.65
C GLN A 123 -12.02 -19.10 55.80
N ALA A 124 -12.55 -19.84 54.83
CA ALA A 124 -12.48 -21.29 54.84
C ALA A 124 -11.25 -21.93 54.19
N VAL A 125 -10.85 -21.43 53.02
CA VAL A 125 -9.72 -22.00 52.29
C VAL A 125 -8.37 -21.84 52.99
N SER A 126 -7.47 -22.77 52.73
CA SER A 126 -6.12 -22.73 53.26
C SER A 126 -5.33 -21.76 52.40
N ARG A 127 -4.21 -21.26 52.89
CA ARG A 127 -3.39 -20.33 52.11
C ARG A 127 -2.13 -20.93 51.50
N GLU A 128 -1.79 -22.15 51.90
CA GLU A 128 -0.60 -22.79 51.35
C GLU A 128 -1.04 -23.58 50.13
N SER A 129 -2.33 -23.71 49.96
CA SER A 129 -2.84 -24.48 48.84
C SER A 129 -3.26 -23.61 47.66
N GLU A 130 -3.30 -24.24 46.50
CA GLU A 130 -3.68 -23.57 45.28
C GLU A 130 -5.18 -23.78 45.12
N ASN A 131 -5.96 -22.79 45.54
CA ASN A 131 -7.41 -22.90 45.48
C ASN A 131 -8.04 -22.33 44.22
N HIS A 132 -8.98 -23.07 43.66
CA HIS A 132 -9.66 -22.61 42.46
C HIS A 132 -11.14 -22.85 42.60
N LEU A 133 -11.93 -21.89 42.18
CA LEU A 133 -13.39 -21.98 42.24
C LEU A 133 -14.01 -21.70 40.90
N THR A 134 -14.87 -22.60 40.43
CA THR A 134 -15.54 -22.38 39.15
C THR A 134 -17.00 -22.17 39.39
N VAL A 135 -17.54 -21.08 38.86
CA VAL A 135 -18.96 -20.84 39.04
C VAL A 135 -19.67 -20.91 37.70
N SER A 136 -20.78 -21.61 37.64
CA SER A 136 -21.48 -21.72 36.39
C SER A 136 -22.89 -21.24 36.59
N LEU A 137 -23.37 -20.44 35.66
CA LEU A 137 -24.71 -19.93 35.72
C LEU A 137 -25.51 -20.66 34.64
N GLN A 138 -26.57 -21.33 35.05
CA GLN A 138 -27.40 -22.04 34.09
C GLN A 138 -28.70 -21.32 33.89
N THR A 139 -28.95 -20.94 32.65
CA THR A 139 -30.17 -20.24 32.34
C THR A 139 -31.16 -21.19 31.64
N ASP A 140 -30.60 -22.21 30.97
CA ASP A 140 -31.39 -23.16 30.22
C ASP A 140 -32.06 -24.26 31.02
N HIS A 141 -32.16 -24.10 32.34
CA HIS A 141 -32.82 -25.13 33.16
C HIS A 141 -34.33 -25.07 33.00
N PRO A 142 -34.98 -26.25 32.87
CA PRO A 142 -36.43 -26.43 32.70
C PRO A 142 -37.32 -26.18 33.92
N ASP A 143 -36.81 -26.46 35.11
CA ASP A 143 -37.58 -26.31 36.33
C ASP A 143 -37.35 -24.99 37.06
N ARG A 144 -36.12 -24.50 37.01
CA ARG A 144 -35.77 -23.26 37.69
C ARG A 144 -35.48 -22.14 36.72
N GLN A 145 -35.70 -20.92 37.18
CA GLN A 145 -35.45 -19.78 36.33
C GLN A 145 -33.96 -19.61 36.14
N LEU A 146 -33.19 -20.07 37.11
CA LEU A 146 -31.76 -19.91 37.02
C LEU A 146 -31.03 -20.68 38.13
N ILE A 147 -30.04 -21.49 37.77
CA ILE A 147 -29.27 -22.24 38.76
C ILE A 147 -27.81 -21.82 38.77
N LEU A 148 -27.20 -21.87 39.94
CA LEU A 148 -25.82 -21.48 40.12
C LEU A 148 -25.02 -22.64 40.69
N TYR A 149 -23.91 -22.99 40.04
CA TYR A 149 -23.08 -24.07 40.53
C TYR A 149 -21.75 -23.53 40.93
N LEU A 150 -21.26 -23.95 42.07
CA LEU A 150 -19.95 -23.52 42.55
C LEU A 150 -19.20 -24.82 42.78
N ASP A 151 -18.18 -25.05 41.97
CA ASP A 151 -17.38 -26.25 42.07
C ASP A 151 -15.98 -25.83 42.49
N PHE A 152 -15.72 -25.88 43.79
CA PHE A 152 -14.43 -25.48 44.35
C PHE A 152 -13.49 -26.66 44.48
N HIS A 153 -12.19 -26.39 44.38
CA HIS A 153 -11.19 -27.42 44.49
C HIS A 153 -9.91 -26.84 45.02
N GLY A 154 -9.46 -27.31 46.18
CA GLY A 154 -8.24 -26.80 46.75
C GLY A 154 -7.94 -27.46 48.07
N ALA A 155 -7.97 -26.68 49.14
CA ALA A 155 -7.70 -27.22 50.47
C ALA A 155 -8.29 -26.29 51.49
N PHE A 156 -8.90 -26.85 52.52
CA PHE A 156 -9.50 -26.03 53.54
C PHE A 156 -8.67 -25.97 54.80
N ALA A 157 -8.88 -24.91 55.56
CA ALA A 157 -8.17 -24.71 56.81
C ALA A 157 -9.24 -24.61 57.89
N ASP A 158 -10.46 -24.28 57.47
CA ASP A 158 -11.58 -24.08 58.38
C ASP A 158 -12.92 -24.33 57.68
N PRO A 159 -13.16 -25.55 57.21
CA PRO A 159 -14.42 -25.85 56.52
C PRO A 159 -15.62 -25.47 57.36
N SER A 160 -15.41 -25.35 58.66
CA SER A 160 -16.49 -25.00 59.57
C SER A 160 -17.16 -23.69 59.18
N ALA A 161 -16.45 -22.83 58.47
CA ALA A 161 -17.00 -21.54 58.06
C ALA A 161 -18.33 -21.72 57.35
N PHE A 162 -18.52 -22.86 56.70
CA PHE A 162 -19.76 -23.12 55.98
C PHE A 162 -20.88 -23.71 56.81
N ASP A 163 -20.52 -24.41 57.89
CA ASP A 163 -21.51 -25.04 58.77
C ASP A 163 -22.78 -24.22 58.92
N ASP A 164 -22.61 -22.97 59.30
CA ASP A 164 -23.74 -22.07 59.48
C ASP A 164 -24.66 -22.04 58.27
N ILE A 165 -24.17 -21.48 57.17
CA ILE A 165 -24.97 -21.38 55.96
C ILE A 165 -25.51 -22.75 55.54
N ARG A 166 -24.71 -23.79 55.78
CA ARG A 166 -25.14 -25.12 55.40
C ARG A 166 -26.37 -25.59 56.15
N GLN A 167 -26.49 -25.18 57.41
CA GLN A 167 -27.63 -25.57 58.23
C GLN A 167 -28.84 -24.66 58.09
N ASN A 168 -28.64 -23.34 58.17
CA ASN A 168 -29.74 -22.40 58.08
C ASN A 168 -30.00 -21.81 56.70
N GLY A 169 -29.43 -22.44 55.67
CA GLY A 169 -29.64 -21.94 54.32
C GLY A 169 -29.32 -20.47 54.19
N TYR A 170 -29.93 -19.81 53.20
CA TYR A 170 -29.71 -18.38 52.97
C TYR A 170 -30.94 -17.74 52.39
N GLU A 171 -31.41 -16.72 53.09
CA GLU A 171 -32.62 -16.00 52.72
C GLU A 171 -33.58 -16.67 51.73
N ASP A 172 -33.84 -16.04 50.59
CA ASP A 172 -34.79 -16.56 49.62
C ASP A 172 -34.23 -17.49 48.55
N VAL A 173 -32.99 -17.89 48.70
CA VAL A 173 -32.36 -18.77 47.70
C VAL A 173 -32.49 -20.22 48.12
N ASP A 174 -32.61 -21.09 47.13
CA ASP A 174 -32.73 -22.51 47.44
C ASP A 174 -31.42 -23.26 47.24
N ILE A 175 -30.78 -23.62 48.35
CA ILE A 175 -29.51 -24.36 48.29
C ILE A 175 -29.77 -25.85 48.07
N MET A 176 -29.95 -26.25 46.82
CA MET A 176 -30.25 -27.65 46.51
C MET A 176 -29.18 -28.65 46.85
N ARG A 177 -27.94 -28.22 46.96
CA ARG A 177 -26.84 -29.16 47.25
C ARG A 177 -25.63 -28.43 47.81
N PHE A 178 -24.94 -29.05 48.75
CA PHE A 178 -23.77 -28.41 49.33
C PHE A 178 -22.78 -29.41 49.89
N GLU A 179 -22.22 -30.25 49.02
CA GLU A 179 -21.24 -31.26 49.41
C GLU A 179 -19.89 -30.61 49.69
N ILE A 180 -19.15 -31.16 50.64
CA ILE A 180 -17.82 -30.65 50.89
C ILE A 180 -16.95 -31.78 51.40
N THR A 181 -15.99 -32.18 50.58
CA THR A 181 -15.08 -33.26 50.95
C THR A 181 -13.80 -32.68 51.52
N SER A 182 -12.71 -33.42 51.35
CA SER A 182 -11.41 -33.01 51.88
C SER A 182 -10.74 -31.87 51.18
N HIS A 183 -10.87 -31.82 49.86
CA HIS A 183 -10.23 -30.78 49.06
C HIS A 183 -11.19 -30.10 48.12
N GLU A 184 -12.41 -30.64 48.00
CA GLU A 184 -13.35 -30.03 47.09
C GLU A 184 -14.62 -29.64 47.79
N CYS A 185 -15.45 -28.92 47.07
CA CYS A 185 -16.72 -28.46 47.58
C CYS A 185 -17.61 -28.26 46.38
N LEU A 186 -18.86 -28.67 46.50
CA LEU A 186 -19.79 -28.53 45.39
C LEU A 186 -21.06 -27.90 45.89
N ILE A 187 -21.37 -26.69 45.44
CA ILE A 187 -22.59 -26.05 45.90
C ILE A 187 -23.51 -25.91 44.73
N GLU A 188 -24.81 -26.08 44.96
CA GLU A 188 -25.77 -25.96 43.88
C GLU A 188 -26.91 -25.09 44.41
N ILE A 189 -27.18 -23.97 43.72
CA ILE A 189 -28.24 -23.10 44.18
C ILE A 189 -29.21 -22.76 43.11
N GLY A 190 -30.49 -22.88 43.45
CA GLY A 190 -31.54 -22.59 42.49
C GLY A 190 -32.27 -21.31 42.79
N LEU A 191 -32.70 -20.60 41.76
CA LEU A 191 -33.44 -19.38 41.94
C LEU A 191 -34.65 -19.38 41.06
N ASP A 192 -35.76 -18.97 41.67
CA ASP A 192 -37.06 -18.89 41.03
C ASP A 192 -37.45 -17.41 40.94
N ASN B 11 -18.79 -3.42 50.60
CA ASN B 11 -19.11 -2.19 49.84
C ASN B 11 -19.69 -2.51 48.45
N ILE B 12 -20.16 -1.48 47.74
CA ILE B 12 -20.74 -1.63 46.41
C ILE B 12 -20.55 -0.36 45.57
N SER B 13 -19.98 -0.46 44.38
CA SER B 13 -19.80 0.76 43.60
C SER B 13 -21.11 1.24 42.95
N ASP B 14 -21.12 2.49 42.49
CA ASP B 14 -22.29 3.10 41.85
C ASP B 14 -22.71 2.29 40.62
N THR B 15 -24.01 2.15 40.43
CA THR B 15 -24.53 1.41 39.31
C THR B 15 -24.18 2.08 37.97
N ALA B 16 -23.95 3.39 38.02
CA ALA B 16 -23.60 4.15 36.82
C ALA B 16 -22.21 3.75 36.36
N LEU B 17 -21.24 3.81 37.28
CA LEU B 17 -19.88 3.43 36.97
C LEU B 17 -19.80 1.95 36.55
N THR B 18 -20.34 1.08 37.41
CA THR B 18 -20.35 -0.37 37.16
C THR B 18 -20.74 -0.72 35.72
N ASN B 19 -21.67 0.02 35.17
CA ASN B 19 -22.11 -0.27 33.82
C ASN B 19 -21.18 0.29 32.76
N GLU B 20 -20.42 1.30 33.13
CA GLU B 20 -19.50 1.91 32.19
C GLU B 20 -18.29 1.03 32.03
N LEU B 21 -17.76 0.56 33.16
CA LEU B 21 -16.59 -0.28 33.14
C LEU B 21 -16.85 -1.56 32.34
N ILE B 22 -18.05 -2.10 32.45
CA ILE B 22 -18.40 -3.31 31.74
C ILE B 22 -18.41 -3.02 30.25
N HIS B 23 -18.90 -1.84 29.89
CA HIS B 23 -18.97 -1.43 28.51
C HIS B 23 -17.56 -1.28 27.96
N LEU B 24 -16.66 -0.71 28.76
CA LEU B 24 -15.31 -0.52 28.30
C LEU B 24 -14.59 -1.83 28.15
N LEU B 25 -14.55 -2.62 29.20
CA LEU B 25 -13.90 -3.90 29.11
C LEU B 25 -14.43 -4.62 27.88
N GLY B 26 -15.69 -4.36 27.58
CA GLY B 26 -16.30 -4.97 26.41
C GLY B 26 -15.50 -4.63 25.18
N HIS B 27 -15.12 -3.36 25.03
CA HIS B 27 -14.33 -2.96 23.87
C HIS B 27 -12.95 -3.58 23.91
N SER B 28 -12.27 -3.41 25.02
CA SER B 28 -10.94 -3.96 25.16
C SER B 28 -10.99 -5.40 24.70
N ARG B 29 -12.01 -6.12 25.17
CA ARG B 29 -12.17 -7.51 24.80
C ARG B 29 -12.27 -7.68 23.30
N HIS B 30 -13.16 -6.92 22.69
CA HIS B 30 -13.33 -7.00 21.25
C HIS B 30 -11.99 -6.79 20.56
N ASP B 31 -11.20 -5.82 21.02
CA ASP B 31 -9.89 -5.53 20.46
C ASP B 31 -9.00 -6.77 20.49
N TRP B 32 -8.72 -7.27 21.68
CA TRP B 32 -7.87 -8.45 21.83
C TRP B 32 -8.34 -9.63 20.98
N MET B 33 -9.65 -9.75 20.76
CA MET B 33 -10.11 -10.86 19.95
C MET B 33 -9.57 -10.66 18.55
N ASN B 34 -9.41 -9.41 18.14
CA ASN B 34 -8.90 -9.09 16.83
C ASN B 34 -7.41 -9.36 16.82
N LYS B 35 -6.72 -8.91 17.87
CA LYS B 35 -5.29 -9.16 17.92
C LYS B 35 -5.03 -10.67 17.88
N LEU B 36 -5.86 -11.48 18.53
CA LEU B 36 -5.66 -12.92 18.49
C LEU B 36 -5.96 -13.39 17.09
N GLN B 37 -6.94 -12.76 16.46
CA GLN B 37 -7.30 -13.11 15.09
C GLN B 37 -6.02 -13.01 14.27
N LEU B 38 -5.27 -11.92 14.49
CA LEU B 38 -4.03 -11.66 13.79
C LEU B 38 -3.02 -12.75 14.09
N ILE B 39 -2.82 -13.02 15.36
CA ILE B 39 -1.88 -14.04 15.75
C ILE B 39 -2.27 -15.40 15.18
N LYS B 40 -3.48 -15.85 15.49
CA LYS B 40 -3.96 -17.14 15.02
C LYS B 40 -3.91 -17.22 13.49
N GLY B 41 -4.39 -16.18 12.82
CA GLY B 41 -4.38 -16.18 11.37
C GLY B 41 -3.02 -16.45 10.78
N ASN B 42 -2.03 -15.66 11.19
CA ASN B 42 -0.69 -15.81 10.66
C ASN B 42 -0.03 -17.07 11.20
N LEU B 43 -0.49 -17.54 12.34
CA LEU B 43 0.05 -18.74 12.93
C LEU B 43 -0.32 -19.89 12.00
N SER B 44 -1.49 -19.81 11.38
CA SER B 44 -1.94 -20.85 10.47
C SER B 44 -1.22 -20.76 9.14
N LEU B 45 -1.02 -19.53 8.65
CA LEU B 45 -0.33 -19.36 7.38
C LEU B 45 1.14 -19.69 7.55
N GLN B 46 1.49 -20.12 8.77
CA GLN B 46 2.85 -20.48 9.11
C GLN B 46 3.89 -19.36 8.92
N LYS B 47 3.48 -18.13 9.20
CA LYS B 47 4.36 -16.98 9.10
C LYS B 47 4.86 -16.68 10.52
N TYR B 48 5.51 -17.68 11.12
CA TYR B 48 6.00 -17.55 12.48
C TYR B 48 6.77 -16.27 12.77
N ASP B 49 7.72 -15.93 11.92
CA ASP B 49 8.50 -14.72 12.12
C ASP B 49 7.57 -13.51 12.27
N ARG B 50 6.47 -13.52 11.52
CA ARG B 50 5.51 -12.43 11.55
C ARG B 50 4.74 -12.37 12.86
N VAL B 51 4.41 -13.53 13.41
CA VAL B 51 3.69 -13.56 14.68
C VAL B 51 4.50 -12.89 15.78
N PHE B 52 5.77 -13.26 15.93
CA PHE B 52 6.58 -12.63 16.97
C PHE B 52 6.58 -11.13 16.74
N GLU B 53 6.65 -10.72 15.48
CA GLU B 53 6.67 -9.28 15.17
C GLU B 53 5.43 -8.63 15.75
N MET B 54 4.27 -9.17 15.40
CA MET B 54 3.01 -8.65 15.88
C MET B 54 2.98 -8.63 17.40
N ILE B 55 3.30 -9.77 18.01
CA ILE B 55 3.27 -9.81 19.46
C ILE B 55 4.14 -8.71 20.04
N GLU B 56 5.27 -8.44 19.43
CA GLU B 56 6.09 -7.37 19.95
C GLU B 56 5.39 -6.02 19.82
N GLU B 57 4.72 -5.79 18.69
CA GLU B 57 3.99 -4.56 18.49
C GLU B 57 2.97 -4.40 19.59
N MET B 58 2.26 -5.48 19.88
CA MET B 58 1.24 -5.49 20.93
C MET B 58 1.88 -5.14 22.28
N VAL B 59 3.03 -5.75 22.56
CA VAL B 59 3.72 -5.48 23.81
C VAL B 59 4.08 -4.01 23.92
N ILE B 60 4.58 -3.44 22.84
CA ILE B 60 4.98 -2.02 22.80
C ILE B 60 3.75 -1.16 23.06
N ASP B 61 2.70 -1.36 22.25
CA ASP B 61 1.44 -0.64 22.38
C ASP B 61 1.08 -0.55 23.84
N ALA B 62 1.14 -1.72 24.47
CA ALA B 62 0.79 -1.87 25.88
C ALA B 62 1.70 -1.04 26.76
N LYS B 63 3.01 -1.06 26.47
CA LYS B 63 3.98 -0.30 27.23
C LYS B 63 3.54 1.17 27.32
N HIS B 64 3.25 1.77 26.17
CA HIS B 64 2.83 3.15 26.15
C HIS B 64 1.50 3.35 26.83
N GLU B 65 0.67 2.32 26.80
CA GLU B 65 -0.64 2.38 27.43
C GLU B 65 -0.40 2.53 28.93
N SER B 66 0.59 1.82 29.45
CA SER B 66 0.83 1.92 30.88
C SER B 66 1.57 3.20 31.27
N LYS B 67 2.51 3.65 30.43
CA LYS B 67 3.22 4.89 30.73
C LYS B 67 2.22 6.03 30.82
N LEU B 68 1.35 6.10 29.83
CA LEU B 68 0.34 7.14 29.83
C LEU B 68 -0.50 7.06 31.09
N SER B 69 -0.74 5.84 31.58
CA SER B 69 -1.53 5.66 32.78
C SER B 69 -0.76 5.99 34.05
N ASN B 70 0.53 6.29 33.91
CA ASN B 70 1.36 6.62 35.06
C ASN B 70 1.95 8.01 35.10
N LEU B 71 1.30 8.95 34.42
CA LEU B 71 1.76 10.34 34.42
C LEU B 71 0.89 11.15 35.38
N LYS B 72 0.05 10.47 36.15
CA LYS B 72 -0.83 11.17 37.06
C LYS B 72 -1.73 12.11 36.26
N THR B 73 -2.00 11.75 35.01
CA THR B 73 -2.91 12.55 34.19
C THR B 73 -4.05 11.64 33.73
N PRO B 74 -4.92 11.24 34.68
CA PRO B 74 -6.04 10.36 34.39
C PRO B 74 -6.97 10.80 33.28
N HIS B 75 -7.45 12.04 33.34
CA HIS B 75 -8.37 12.55 32.32
C HIS B 75 -7.82 12.45 30.90
N LEU B 76 -6.53 12.73 30.75
CA LEU B 76 -5.92 12.64 29.45
C LEU B 76 -5.84 11.15 29.11
N ALA B 77 -5.24 10.37 29.99
CA ALA B 77 -5.10 8.94 29.78
C ALA B 77 -6.44 8.33 29.38
N PHE B 78 -7.49 8.66 30.11
CA PHE B 78 -8.79 8.09 29.79
C PHE B 78 -9.26 8.46 28.38
N ASP B 79 -9.01 9.71 27.99
CA ASP B 79 -9.40 10.17 26.65
C ASP B 79 -8.68 9.41 25.54
N PHE B 80 -7.39 9.18 25.75
CA PHE B 80 -6.59 8.47 24.79
C PHE B 80 -6.94 6.99 24.78
N LEU B 81 -6.98 6.39 25.97
CA LEU B 81 -7.29 4.98 26.11
C LEU B 81 -8.64 4.62 25.51
N THR B 82 -9.61 5.51 25.56
CA THR B 82 -10.93 5.17 25.01
C THR B 82 -11.24 5.80 23.67
N PHE B 83 -10.32 6.58 23.14
CA PHE B 83 -10.56 7.26 21.87
C PHE B 83 -11.09 6.34 20.76
N ASN B 84 -10.36 5.29 20.44
CA ASN B 84 -10.78 4.39 19.36
C ASN B 84 -12.13 3.68 19.60
N TRP B 85 -12.64 3.74 20.82
CA TRP B 85 -13.91 3.10 21.10
C TRP B 85 -15.08 4.04 20.86
N LYS B 86 -14.79 5.34 20.80
CA LYS B 86 -15.82 6.33 20.55
C LYS B 86 -15.79 6.57 19.05
N THR B 87 -16.78 7.29 18.52
CA THR B 87 -16.83 7.53 17.08
C THR B 87 -15.93 8.65 16.57
N HIS B 88 -15.06 8.30 15.62
CA HIS B 88 -14.15 9.28 15.03
C HIS B 88 -13.79 8.86 13.62
N TYR B 89 -13.31 9.81 12.83
CA TYR B 89 -12.94 9.54 11.45
C TYR B 89 -11.46 9.36 11.23
N MET B 90 -10.77 9.04 12.31
CA MET B 90 -9.33 8.81 12.26
C MET B 90 -8.99 7.89 13.43
N THR B 91 -7.88 7.19 13.31
CA THR B 91 -7.44 6.29 14.37
C THR B 91 -6.35 6.94 15.19
N LEU B 92 -6.43 6.84 16.51
CA LEU B 92 -5.42 7.43 17.35
C LEU B 92 -4.42 6.39 17.88
N GLU B 93 -3.14 6.74 17.80
CA GLU B 93 -2.05 5.91 18.32
C GLU B 93 -1.24 6.92 19.13
N TYR B 94 -0.69 6.50 20.26
CA TYR B 94 0.07 7.43 21.08
C TYR B 94 1.27 6.80 21.71
N GLU B 95 2.23 7.64 22.06
CA GLU B 95 3.44 7.16 22.70
C GLU B 95 3.88 8.18 23.72
N VAL B 96 4.55 7.71 24.75
CA VAL B 96 5.08 8.61 25.75
C VAL B 96 6.60 8.43 25.66
N LEU B 97 7.28 9.48 25.22
CA LEU B 97 8.72 9.40 25.09
C LEU B 97 9.41 10.05 26.29
N GLY B 98 10.23 9.26 26.97
CA GLY B 98 10.93 9.75 28.13
C GLY B 98 10.42 9.06 29.37
N GLU B 99 11.12 9.22 30.48
CA GLU B 99 10.76 8.62 31.76
C GLU B 99 9.42 9.20 32.21
N ILE B 100 8.66 8.46 33.02
CA ILE B 100 7.40 8.99 33.48
C ILE B 100 7.65 10.18 34.40
N LYS B 101 6.65 11.04 34.55
CA LYS B 101 6.74 12.25 35.35
C LYS B 101 5.36 12.51 35.94
N ASP B 102 5.31 13.33 36.99
CA ASP B 102 4.03 13.68 37.59
C ASP B 102 3.48 14.90 36.86
N LEU B 103 2.99 14.69 35.64
CA LEU B 103 2.44 15.79 34.84
C LEU B 103 1.03 16.18 35.26
N SER B 104 0.62 15.73 36.44
CA SER B 104 -0.72 16.01 36.97
C SER B 104 -1.12 17.46 36.84
N ALA B 105 -0.17 18.36 37.08
CA ALA B 105 -0.43 19.80 37.00
C ALA B 105 -0.98 20.19 35.63
N TYR B 106 -0.84 19.30 34.65
CA TYR B 106 -1.31 19.58 33.31
C TYR B 106 -2.44 18.68 32.81
N ASP B 107 -2.88 17.74 33.64
CA ASP B 107 -3.94 16.84 33.19
C ASP B 107 -5.10 17.61 32.59
N GLN B 108 -5.77 18.42 33.37
CA GLN B 108 -6.92 19.15 32.84
C GLN B 108 -6.61 19.96 31.60
N LYS B 109 -5.46 20.63 31.58
CA LYS B 109 -5.08 21.44 30.43
C LYS B 109 -4.95 20.60 29.17
N LEU B 110 -4.08 19.60 29.22
CA LEU B 110 -3.86 18.72 28.07
C LEU B 110 -5.14 18.07 27.60
N ALA B 111 -5.90 17.48 28.52
CA ALA B 111 -7.12 16.82 28.13
C ALA B 111 -8.00 17.75 27.33
N LYS B 112 -8.24 18.96 27.85
CA LYS B 112 -9.08 19.91 27.14
C LYS B 112 -8.50 20.28 25.79
N LEU B 113 -7.18 20.45 25.73
CA LEU B 113 -6.53 20.81 24.48
C LEU B 113 -6.74 19.74 23.42
N MET B 114 -6.44 18.49 23.78
CA MET B 114 -6.59 17.38 22.86
C MET B 114 -8.03 17.22 22.42
N ARG B 115 -8.95 17.43 23.34
CA ARG B 115 -10.33 17.26 22.97
C ARG B 115 -10.60 18.27 21.86
N LYS B 116 -10.02 19.45 21.98
CA LYS B 116 -10.25 20.48 20.97
C LYS B 116 -9.66 20.06 19.64
N LEU B 117 -8.37 19.68 19.65
CA LEU B 117 -7.70 19.27 18.43
C LEU B 117 -8.46 18.11 17.77
N PHE B 118 -8.75 17.07 18.55
CA PHE B 118 -9.47 15.94 18.01
C PHE B 118 -10.74 16.41 17.33
N HIS B 119 -11.44 17.34 17.95
CA HIS B 119 -12.66 17.81 17.34
C HIS B 119 -12.38 18.49 16.02
N LEU B 120 -11.29 19.24 15.94
CA LEU B 120 -11.02 19.92 14.69
C LEU B 120 -10.70 18.92 13.62
N PHE B 121 -9.87 17.93 13.94
CA PHE B 121 -9.56 16.90 12.94
C PHE B 121 -10.84 16.23 12.44
N ASP B 122 -11.79 16.02 13.34
CA ASP B 122 -13.01 15.38 12.92
C ASP B 122 -13.75 16.17 11.86
N GLN B 123 -13.70 17.50 11.96
CA GLN B 123 -14.38 18.34 10.98
C GLN B 123 -13.50 18.50 9.76
N ALA B 124 -12.21 18.30 9.94
CA ALA B 124 -11.27 18.51 8.85
C ALA B 124 -10.97 17.31 7.95
N VAL B 125 -10.80 16.13 8.54
CA VAL B 125 -10.48 14.96 7.74
C VAL B 125 -11.59 14.51 6.82
N SER B 126 -11.20 13.84 5.72
CA SER B 126 -12.16 13.31 4.77
C SER B 126 -12.62 11.98 5.32
N ARG B 127 -13.76 11.49 4.83
CA ARG B 127 -14.27 10.23 5.34
C ARG B 127 -14.09 9.05 4.41
N GLU B 128 -13.62 9.28 3.20
CA GLU B 128 -13.37 8.21 2.24
C GLU B 128 -11.94 7.75 2.44
N SER B 129 -11.18 8.54 3.19
CA SER B 129 -9.79 8.22 3.41
C SER B 129 -9.51 7.51 4.71
N GLU B 130 -8.38 6.82 4.75
CA GLU B 130 -7.96 6.09 5.91
C GLU B 130 -7.08 7.05 6.72
N ASN B 131 -7.67 7.71 7.73
CA ASN B 131 -6.91 8.67 8.52
C ASN B 131 -6.33 8.11 9.78
N HIS B 132 -5.09 8.47 10.05
CA HIS B 132 -4.39 8.00 11.23
C HIS B 132 -3.67 9.16 11.90
N LEU B 133 -3.76 9.24 13.22
CA LEU B 133 -3.10 10.30 13.96
C LEU B 133 -2.26 9.71 15.09
N THR B 134 -0.99 10.12 15.15
CA THR B 134 -0.11 9.63 16.19
C THR B 134 0.25 10.76 17.11
N VAL B 135 0.05 10.58 18.40
CA VAL B 135 0.41 11.65 19.32
C VAL B 135 1.51 11.18 20.23
N SER B 136 2.53 12.01 20.40
CA SER B 136 3.61 11.61 21.28
C SER B 136 3.80 12.66 22.34
N LEU B 137 3.99 12.19 23.56
CA LEU B 137 4.20 13.03 24.73
C LEU B 137 5.67 12.94 25.06
N GLN B 138 6.36 14.06 25.04
CA GLN B 138 7.76 14.05 25.39
C GLN B 138 7.94 14.69 26.74
N THR B 139 8.49 13.93 27.68
CA THR B 139 8.73 14.41 29.02
C THR B 139 10.22 14.77 29.18
N ASP B 140 11.04 14.05 28.41
CA ASP B 140 12.49 14.19 28.41
C ASP B 140 13.07 15.44 27.77
N HIS B 141 12.24 16.41 27.41
CA HIS B 141 12.84 17.58 26.77
C HIS B 141 13.50 18.52 27.78
N PRO B 142 14.68 19.04 27.39
CA PRO B 142 15.51 19.96 28.19
C PRO B 142 15.01 21.38 28.39
N ASP B 143 14.32 21.92 27.40
CA ASP B 143 13.85 23.29 27.45
C ASP B 143 12.42 23.44 27.96
N ARG B 144 11.58 22.47 27.60
CA ARG B 144 10.18 22.50 27.97
C ARG B 144 9.82 21.44 29.00
N GLN B 145 8.83 21.74 29.82
CA GLN B 145 8.39 20.80 30.83
C GLN B 145 7.76 19.58 30.14
N LEU B 146 7.13 19.82 29.00
CA LEU B 146 6.48 18.75 28.26
C LEU B 146 6.07 19.20 26.87
N ILE B 147 6.41 18.40 25.87
CA ILE B 147 6.06 18.70 24.47
C ILE B 147 5.09 17.66 23.93
N LEU B 148 4.19 18.08 23.05
CA LEU B 148 3.19 17.21 22.48
C LEU B 148 3.31 17.23 20.96
N TYR B 149 3.45 16.08 20.33
CA TYR B 149 3.57 16.02 18.87
C TYR B 149 2.36 15.31 18.30
N LEU B 150 1.80 15.87 17.25
CA LEU B 150 0.66 15.26 16.60
C LEU B 150 1.07 15.12 15.17
N ASP B 151 1.26 13.89 14.74
CA ASP B 151 1.67 13.64 13.39
C ASP B 151 0.55 12.89 12.69
N PHE B 152 -0.28 13.64 11.99
CA PHE B 152 -1.43 13.07 11.28
C PHE B 152 -1.11 12.71 9.85
N HIS B 153 -1.82 11.73 9.31
CA HIS B 153 -1.62 11.38 7.92
C HIS B 153 -2.85 10.68 7.38
N GLY B 154 -3.42 11.30 6.35
CA GLY B 154 -4.61 10.77 5.74
C GLY B 154 -5.03 11.63 4.58
N ALA B 155 -6.17 12.30 4.71
CA ALA B 155 -6.66 13.16 3.65
C ALA B 155 -7.67 14.11 4.23
N PHE B 156 -7.60 15.36 3.80
CA PHE B 156 -8.51 16.36 4.33
C PHE B 156 -9.64 16.68 3.38
N ALA B 157 -10.73 17.19 3.93
CA ALA B 157 -11.90 17.54 3.16
C ALA B 157 -12.13 19.03 3.41
N ASP B 158 -11.60 19.50 4.54
CA ASP B 158 -11.68 20.90 4.89
C ASP B 158 -10.58 21.34 5.83
N PRO B 159 -9.33 21.39 5.33
CA PRO B 159 -8.19 21.81 6.14
C PRO B 159 -8.44 23.15 6.80
N SER B 160 -9.36 23.91 6.22
CA SER B 160 -9.69 25.23 6.73
C SER B 160 -10.07 25.20 8.19
N ALA B 161 -10.54 24.07 8.67
CA ALA B 161 -10.97 23.96 10.06
C ALA B 161 -9.86 24.39 11.00
N PHE B 162 -8.63 24.24 10.57
CA PHE B 162 -7.52 24.62 11.42
C PHE B 162 -7.08 26.07 11.29
N ASP B 163 -7.36 26.71 10.16
CA ASP B 163 -6.90 28.08 9.97
C ASP B 163 -7.07 28.94 11.20
N ASP B 164 -8.23 28.89 11.83
CA ASP B 164 -8.44 29.68 13.04
C ASP B 164 -7.38 29.43 14.10
N ILE B 165 -7.37 28.23 14.66
CA ILE B 165 -6.41 27.92 15.70
C ILE B 165 -4.98 28.18 15.21
N ARG B 166 -4.75 28.00 13.92
CA ARG B 166 -3.43 28.20 13.33
C ARG B 166 -2.99 29.66 13.45
N GLN B 167 -3.94 30.56 13.33
CA GLN B 167 -3.69 32.00 13.40
C GLN B 167 -3.68 32.57 14.81
N ASN B 168 -4.72 32.29 15.57
CA ASN B 168 -4.85 32.82 16.93
C ASN B 168 -4.33 31.91 18.03
N GLY B 169 -3.55 30.90 17.68
CA GLY B 169 -3.02 29.99 18.68
C GLY B 169 -4.09 29.44 19.60
N TYR B 170 -3.71 29.04 20.80
CA TYR B 170 -4.67 28.50 21.77
C TYR B 170 -4.23 28.80 23.20
N GLU B 171 -5.13 29.47 23.91
CA GLU B 171 -4.92 29.82 25.31
C GLU B 171 -3.46 29.98 25.75
N ASP B 172 -3.09 29.24 26.79
CA ASP B 172 -1.73 29.36 27.30
C ASP B 172 -0.75 28.31 26.82
N VAL B 173 -1.09 27.62 25.74
CA VAL B 173 -0.17 26.64 25.21
C VAL B 173 0.63 27.27 24.08
N ASP B 174 1.84 26.77 23.90
CA ASP B 174 2.72 27.29 22.88
C ASP B 174 2.75 26.38 21.65
N ILE B 175 2.09 26.79 20.57
CA ILE B 175 2.08 25.99 19.34
C ILE B 175 3.34 26.28 18.53
N MET B 176 4.41 25.58 18.85
CA MET B 176 5.69 25.77 18.18
C MET B 176 5.72 25.45 16.69
N ARG B 177 4.81 24.61 16.22
CA ARG B 177 4.80 24.24 14.82
C ARG B 177 3.45 23.72 14.39
N PHE B 178 3.05 23.98 13.16
CA PHE B 178 1.75 23.51 12.70
C PHE B 178 1.69 23.38 11.18
N GLU B 179 2.52 22.51 10.63
CA GLU B 179 2.56 22.30 9.19
C GLU B 179 1.37 21.46 8.74
N ILE B 180 0.86 21.73 7.55
CA ILE B 180 -0.26 20.98 6.99
C ILE B 180 -0.07 20.87 5.49
N THR B 181 0.24 19.68 5.00
CA THR B 181 0.43 19.47 3.57
C THR B 181 -0.87 18.95 2.96
N SER B 182 -0.74 18.18 1.89
CA SER B 182 -1.88 17.64 1.18
C SER B 182 -2.57 16.46 1.88
N HIS B 183 -1.78 15.61 2.53
CA HIS B 183 -2.32 14.44 3.21
C HIS B 183 -1.81 14.28 4.61
N GLU B 184 -0.87 15.13 5.00
CA GLU B 184 -0.31 15.04 6.33
C GLU B 184 -0.48 16.34 7.07
N CYS B 185 -0.20 16.29 8.36
CA CYS B 185 -0.27 17.44 9.22
C CYS B 185 0.66 17.16 10.39
N LEU B 186 1.44 18.15 10.78
CA LEU B 186 2.37 17.97 11.86
C LEU B 186 2.21 19.12 12.84
N ILE B 187 1.76 18.81 14.05
CA ILE B 187 1.57 19.86 15.06
C ILE B 187 2.55 19.63 16.17
N GLU B 188 3.13 20.70 16.70
CA GLU B 188 4.08 20.59 17.80
C GLU B 188 3.66 21.60 18.86
N ILE B 189 3.43 21.11 20.07
CA ILE B 189 2.98 21.97 21.15
C ILE B 189 3.83 21.85 22.38
N GLY B 190 4.28 22.98 22.90
CA GLY B 190 5.09 22.97 24.09
C GLY B 190 4.35 23.50 25.30
N LEU B 191 4.64 22.95 26.47
CA LEU B 191 4.01 23.40 27.71
C LEU B 191 5.13 23.51 28.75
N ASP B 192 5.16 24.52 29.60
CA ASP B 192 6.26 24.50 30.56
C ASP B 192 5.89 24.95 31.96
N ILE C 12 20.09 16.93 -40.24
CA ILE C 12 20.30 18.39 -40.48
C ILE C 12 20.72 19.05 -39.17
N SER C 13 21.54 20.10 -39.25
CA SER C 13 21.92 20.87 -38.06
C SER C 13 23.25 20.55 -37.38
N ASP C 14 23.54 21.31 -36.33
CA ASP C 14 24.77 21.18 -35.57
C ASP C 14 24.96 19.77 -35.02
N THR C 15 26.19 19.28 -35.08
CA THR C 15 26.51 17.94 -34.61
C THR C 15 26.28 17.83 -33.09
N ALA C 16 26.36 18.96 -32.40
CA ALA C 16 26.17 19.00 -30.95
C ALA C 16 24.70 18.70 -30.63
N LEU C 17 23.81 19.45 -31.26
CA LEU C 17 22.38 19.28 -31.07
C LEU C 17 21.94 17.89 -31.51
N THR C 18 22.30 17.52 -32.74
CA THR C 18 21.96 16.22 -33.32
C THR C 18 22.22 15.07 -32.36
N ASN C 19 23.30 15.13 -31.59
CA ASN C 19 23.57 14.04 -30.70
C ASN C 19 22.81 14.11 -29.39
N GLU C 20 22.32 15.30 -29.08
CA GLU C 20 21.56 15.49 -27.85
C GLU C 20 20.15 14.95 -28.06
N LEU C 21 19.55 15.30 -29.18
CA LEU C 21 18.21 14.85 -29.50
C LEU C 21 18.14 13.33 -29.59
N ILE C 22 19.19 12.70 -30.08
CA ILE C 22 19.23 11.25 -30.19
C ILE C 22 19.28 10.65 -28.79
N HIS C 23 20.02 11.33 -27.91
CA HIS C 23 20.15 10.88 -26.52
C HIS C 23 18.79 10.96 -25.83
N LEU C 24 18.09 12.06 -26.07
CA LEU C 24 16.79 12.26 -25.45
C LEU C 24 15.78 11.26 -25.96
N LEU C 25 15.57 11.21 -27.27
CA LEU C 25 14.62 10.26 -27.82
C LEU C 25 14.96 8.90 -27.24
N GLY C 26 16.24 8.69 -26.98
CA GLY C 26 16.66 7.42 -26.43
C GLY C 26 15.94 7.15 -25.13
N HIS C 27 15.86 8.17 -24.28
CA HIS C 27 15.18 8.06 -23.01
C HIS C 27 13.68 7.87 -23.20
N SER C 28 13.07 8.77 -23.97
CA SER C 28 11.65 8.67 -24.21
C SER C 28 11.36 7.24 -24.65
N ARG C 29 12.18 6.70 -25.54
CA ARG C 29 11.98 5.35 -26.01
C ARG C 29 12.02 4.37 -24.85
N HIS C 30 13.04 4.45 -24.02
CA HIS C 30 13.14 3.55 -22.87
C HIS C 30 11.87 3.60 -22.04
N ASP C 31 11.34 4.81 -21.83
CA ASP C 31 10.12 5.01 -21.06
C ASP C 31 8.97 4.20 -21.66
N TRP C 32 8.61 4.53 -22.89
CA TRP C 32 7.53 3.83 -23.55
C TRP C 32 7.69 2.32 -23.55
N MET C 33 8.92 1.83 -23.57
CA MET C 33 9.10 0.40 -23.55
C MET C 33 8.60 -0.11 -22.22
N ASN C 34 8.72 0.71 -21.19
CA ASN C 34 8.25 0.32 -19.86
C ASN C 34 6.74 0.42 -19.82
N LYS C 35 6.21 1.51 -20.36
CA LYS C 35 4.77 1.65 -20.40
C LYS C 35 4.16 0.46 -21.15
N LEU C 36 4.82 -0.01 -22.22
CA LEU C 36 4.29 -1.15 -22.96
C LEU C 36 4.43 -2.37 -22.08
N GLN C 37 5.49 -2.40 -21.30
CA GLN C 37 5.70 -3.54 -20.41
C GLN C 37 4.47 -3.62 -19.52
N LEU C 38 4.03 -2.47 -19.01
CA LEU C 38 2.85 -2.44 -18.15
C LEU C 38 1.61 -2.90 -18.90
N ILE C 39 1.39 -2.37 -20.09
CA ILE C 39 0.23 -2.77 -20.86
C ILE C 39 0.30 -4.26 -21.16
N LYS C 40 1.39 -4.72 -21.77
CA LYS C 40 1.54 -6.14 -22.13
C LYS C 40 1.41 -7.02 -20.91
N GLY C 41 2.10 -6.64 -19.84
CA GLY C 41 2.07 -7.43 -18.64
C GLY C 41 0.66 -7.69 -18.14
N ASN C 42 -0.12 -6.61 -17.93
CA ASN C 42 -1.47 -6.77 -17.44
C ASN C 42 -2.38 -7.36 -18.49
N LEU C 43 -2.00 -7.20 -19.75
CA LEU C 43 -2.80 -7.73 -20.84
C LEU C 43 -2.74 -9.25 -20.74
N SER C 44 -1.60 -9.77 -20.30
CA SER C 44 -1.40 -11.21 -20.14
C SER C 44 -2.14 -11.71 -18.91
N LEU C 45 -2.05 -10.95 -17.84
CA LEU C 45 -2.71 -11.30 -16.58
C LEU C 45 -4.23 -11.20 -16.76
N GLN C 46 -4.65 -10.81 -17.95
CA GLN C 46 -6.06 -10.68 -18.27
C GLN C 46 -6.79 -9.64 -17.42
N LYS C 47 -6.09 -8.57 -17.02
CA LYS C 47 -6.69 -7.50 -16.24
C LYS C 47 -7.07 -6.37 -17.20
N TYR C 48 -7.91 -6.70 -18.18
CA TYR C 48 -8.36 -5.78 -19.20
C TYR C 48 -8.77 -4.41 -18.66
N ASP C 49 -9.65 -4.40 -17.68
CA ASP C 49 -10.08 -3.12 -17.10
C ASP C 49 -8.90 -2.27 -16.67
N ARG C 50 -7.87 -2.94 -16.17
CA ARG C 50 -6.69 -2.24 -15.70
C ARG C 50 -5.87 -1.63 -16.83
N VAL C 51 -5.81 -2.32 -17.95
CA VAL C 51 -5.08 -1.82 -19.10
C VAL C 51 -5.67 -0.50 -19.59
N PHE C 52 -6.98 -0.44 -19.77
CA PHE C 52 -7.59 0.79 -20.23
C PHE C 52 -7.28 1.89 -19.23
N GLU C 53 -7.29 1.55 -17.95
CA GLU C 53 -6.99 2.53 -16.93
C GLU C 53 -5.61 3.12 -17.15
N MET C 54 -4.61 2.25 -17.30
CA MET C 54 -3.24 2.69 -17.54
C MET C 54 -3.16 3.52 -18.79
N ILE C 55 -3.72 3.01 -19.88
CA ILE C 55 -3.71 3.74 -21.14
C ILE C 55 -4.23 5.16 -20.92
N GLU C 56 -5.30 5.28 -20.15
CA GLU C 56 -5.82 6.61 -19.91
C GLU C 56 -4.83 7.48 -19.16
N GLU C 57 -4.16 6.90 -18.16
CA GLU C 57 -3.19 7.64 -17.40
C GLU C 57 -2.10 8.15 -18.35
N MET C 58 -1.66 7.28 -19.26
CA MET C 58 -0.65 7.64 -20.24
C MET C 58 -1.14 8.78 -21.11
N VAL C 59 -2.40 8.70 -21.53
CA VAL C 59 -2.98 9.73 -22.37
C VAL C 59 -2.98 11.06 -21.64
N ILE C 60 -3.36 11.04 -20.36
CA ILE C 60 -3.41 12.27 -19.58
C ILE C 60 -2.01 12.83 -19.38
N ASP C 61 -1.07 12.00 -18.93
CA ASP C 61 0.28 12.49 -18.75
C ASP C 61 0.73 13.19 -20.02
N ALA C 62 0.38 12.62 -21.16
CA ALA C 62 0.72 13.18 -22.46
C ALA C 62 0.08 14.53 -22.64
N LYS C 63 -1.20 14.65 -22.30
CA LYS C 63 -1.90 15.92 -22.45
C LYS C 63 -1.15 17.04 -21.74
N HIS C 64 -0.78 16.81 -20.49
CA HIS C 64 -0.07 17.86 -19.77
C HIS C 64 1.31 18.09 -20.35
N GLU C 65 1.87 17.06 -20.98
CA GLU C 65 3.18 17.19 -21.59
C GLU C 65 3.04 18.19 -22.74
N SER C 66 1.93 18.11 -23.47
CA SER C 66 1.74 19.02 -24.59
C SER C 66 1.33 20.42 -24.15
N LYS C 67 0.50 20.53 -23.11
CA LYS C 67 0.10 21.84 -22.61
C LYS C 67 1.34 22.60 -22.17
N LEU C 68 2.18 21.92 -21.39
CA LEU C 68 3.41 22.53 -20.93
C LEU C 68 4.24 23.01 -22.12
N SER C 69 4.21 22.26 -23.21
CA SER C 69 4.97 22.60 -24.40
C SER C 69 4.32 23.73 -25.21
N ASN C 70 3.13 24.16 -24.80
CA ASN C 70 2.44 25.21 -25.51
C ASN C 70 2.21 26.49 -24.73
N LEU C 71 3.04 26.74 -23.72
CA LEU C 71 2.90 27.95 -22.92
C LEU C 71 3.96 28.97 -23.35
N LYS C 72 4.64 28.68 -24.45
CA LYS C 72 5.69 29.57 -24.93
C LYS C 72 6.76 29.69 -23.85
N THR C 73 6.92 28.64 -23.06
CA THR C 73 7.91 28.62 -22.00
C THR C 73 8.82 27.41 -22.22
N PRO C 74 9.58 27.43 -23.33
CA PRO C 74 10.50 26.35 -23.69
C PRO C 74 11.47 25.90 -22.62
N HIS C 75 12.23 26.82 -22.05
CA HIS C 75 13.22 26.46 -21.04
C HIS C 75 12.61 25.73 -19.86
N LEU C 76 11.43 26.16 -19.44
CA LEU C 76 10.76 25.48 -18.32
C LEU C 76 10.34 24.11 -18.82
N ALA C 77 9.59 24.09 -19.92
CA ALA C 77 9.12 22.85 -20.51
C ALA C 77 10.26 21.85 -20.67
N PHE C 78 11.39 22.31 -21.17
CA PHE C 78 12.52 21.42 -21.37
C PHE C 78 13.01 20.83 -20.05
N ASP C 79 13.05 21.66 -19.00
CA ASP C 79 13.51 21.22 -17.68
C ASP C 79 12.61 20.15 -17.07
N PHE C 80 11.29 20.34 -17.23
CA PHE C 80 10.33 19.38 -16.71
C PHE C 80 10.33 18.13 -17.57
N LEU C 81 10.25 18.31 -18.89
CA LEU C 81 10.23 17.19 -19.82
C LEU C 81 11.42 16.26 -19.67
N THR C 82 12.58 16.82 -19.32
CA THR C 82 13.79 16.03 -19.20
C THR C 82 14.21 15.67 -17.78
N PHE C 83 13.49 16.22 -16.79
CA PHE C 83 13.83 15.98 -15.39
C PHE C 83 14.10 14.53 -15.02
N ASN C 84 13.13 13.63 -15.21
CA ASN C 84 13.34 12.26 -14.84
C ASN C 84 14.45 11.53 -15.58
N TRP C 85 15.00 12.16 -16.60
CA TRP C 85 16.08 11.55 -17.39
C TRP C 85 17.44 11.91 -16.79
N LYS C 86 17.46 13.00 -16.02
CA LYS C 86 18.68 13.45 -15.36
C LYS C 86 18.69 12.80 -13.98
N THR C 87 19.80 12.87 -13.26
CA THR C 87 19.87 12.25 -11.94
C THR C 87 19.23 13.07 -10.83
N HIS C 88 18.28 12.46 -10.13
CA HIS C 88 17.59 13.10 -9.02
C HIS C 88 17.12 12.03 -8.04
N TYR C 89 16.84 12.47 -6.84
CA TYR C 89 16.45 11.67 -5.69
C TYR C 89 14.93 11.63 -5.49
N MET C 90 14.21 12.14 -6.48
CA MET C 90 12.75 12.18 -6.42
C MET C 90 12.24 12.19 -7.85
N THR C 91 10.99 11.80 -8.03
CA THR C 91 10.41 11.76 -9.35
C THR C 91 9.50 12.94 -9.55
N LEU C 92 9.59 13.56 -10.73
CA LEU C 92 8.76 14.72 -11.02
C LEU C 92 7.56 14.39 -11.89
N GLU C 93 6.41 14.90 -11.49
CA GLU C 93 5.18 14.75 -12.24
C GLU C 93 4.62 16.18 -12.29
N TYR C 94 4.02 16.57 -13.40
CA TYR C 94 3.53 17.93 -13.50
C TYR C 94 2.22 18.03 -14.26
N GLU C 95 1.50 19.10 -13.99
CA GLU C 95 0.22 19.31 -14.65
C GLU C 95 0.07 20.79 -14.90
N VAL C 96 -0.69 21.12 -15.93
CA VAL C 96 -0.95 22.50 -16.27
C VAL C 96 -2.46 22.62 -16.09
N LEU C 97 -2.89 23.38 -15.10
CA LEU C 97 -4.31 23.57 -14.83
C LEU C 97 -4.81 24.87 -15.42
N GLY C 98 -5.77 24.77 -16.32
CA GLY C 98 -6.30 25.97 -16.96
C GLY C 98 -5.93 25.99 -18.43
N GLU C 99 -6.57 26.88 -19.20
CA GLU C 99 -6.30 26.99 -20.63
C GLU C 99 -4.86 27.44 -20.83
N ILE C 100 -4.31 27.15 -21.99
CA ILE C 100 -2.95 27.55 -22.32
C ILE C 100 -2.88 29.07 -22.34
N LYS C 101 -1.69 29.62 -22.12
CA LYS C 101 -1.50 31.06 -22.11
C LYS C 101 -0.06 31.32 -22.58
N ASP C 102 0.21 32.55 -23.03
CA ASP C 102 1.55 32.93 -23.48
C ASP C 102 2.37 33.38 -22.26
N LEU C 103 2.76 32.43 -21.41
CA LEU C 103 3.54 32.78 -20.22
C LEU C 103 5.00 33.01 -20.51
N SER C 104 5.32 33.21 -21.79
CA SER C 104 6.69 33.44 -22.22
C SER C 104 7.42 34.46 -21.36
N ALA C 105 6.70 35.51 -20.98
CA ALA C 105 7.27 36.57 -20.17
C ALA C 105 7.87 36.03 -18.87
N TYR C 106 7.53 34.79 -18.52
CA TYR C 106 8.03 34.21 -17.29
C TYR C 106 8.90 32.97 -17.48
N ASP C 107 9.11 32.57 -18.72
CA ASP C 107 9.92 31.38 -18.98
C ASP C 107 11.22 31.39 -18.18
N GLN C 108 12.08 32.37 -18.45
CA GLN C 108 13.34 32.43 -17.74
C GLN C 108 13.21 32.45 -16.22
N LYS C 109 12.25 33.21 -15.72
CA LYS C 109 12.04 33.32 -14.29
C LYS C 109 11.69 31.97 -13.67
N LEU C 110 10.60 31.37 -14.16
CA LEU C 110 10.13 30.08 -13.68
C LEU C 110 11.23 29.02 -13.76
N ALA C 111 11.84 28.89 -14.92
CA ALA C 111 12.91 27.92 -15.13
C ALA C 111 13.92 28.01 -14.00
N LYS C 112 14.45 29.22 -13.81
CA LYS C 112 15.45 29.50 -12.79
C LYS C 112 14.95 29.12 -11.40
N LEU C 113 13.71 29.50 -11.13
CA LEU C 113 13.06 29.23 -9.87
C LEU C 113 13.02 27.73 -9.56
N MET C 114 12.47 26.96 -10.49
CA MET C 114 12.35 25.53 -10.31
C MET C 114 13.71 24.86 -10.20
N ARG C 115 14.68 25.35 -10.95
CA ARG C 115 16.01 24.77 -10.89
C ARG C 115 16.46 24.89 -9.44
N LYS C 116 16.18 26.04 -8.84
CA LYS C 116 16.54 26.31 -7.44
C LYS C 116 15.87 25.30 -6.52
N LEU C 117 14.54 25.29 -6.56
CA LEU C 117 13.74 24.39 -5.74
C LEU C 117 14.21 22.96 -5.89
N PHE C 118 14.28 22.49 -7.13
CA PHE C 118 14.72 21.13 -7.40
C PHE C 118 16.03 20.85 -6.69
N HIS C 119 16.93 21.81 -6.77
CA HIS C 119 18.23 21.68 -6.14
C HIS C 119 18.08 21.49 -4.63
N LEU C 120 17.21 22.30 -4.02
CA LEU C 120 17.00 22.20 -2.60
C LEU C 120 16.49 20.84 -2.21
N PHE C 121 15.44 20.38 -2.91
CA PHE C 121 14.87 19.08 -2.62
C PHE C 121 15.94 18.00 -2.68
N ASP C 122 16.85 18.16 -3.64
CA ASP C 122 17.98 17.27 -3.84
C ASP C 122 18.76 17.05 -2.58
N GLN C 123 19.07 18.16 -1.93
CA GLN C 123 19.84 18.08 -0.73
C GLN C 123 18.99 17.81 0.50
N ALA C 124 17.69 18.01 0.36
CA ALA C 124 16.78 17.80 1.47
C ALA C 124 16.21 16.38 1.61
N VAL C 125 15.79 15.79 0.50
CA VAL C 125 15.19 14.45 0.54
C VAL C 125 16.13 13.34 0.96
N SER C 126 15.56 12.30 1.55
CA SER C 126 16.31 11.12 1.97
C SER C 126 16.50 10.27 0.73
N ARG C 127 17.46 9.36 0.76
CA ARG C 127 17.69 8.52 -0.41
C ARG C 127 17.21 7.08 -0.26
N GLU C 128 16.78 6.71 0.93
CA GLU C 128 16.28 5.36 1.20
C GLU C 128 14.78 5.38 0.95
N SER C 129 14.24 6.59 0.81
CA SER C 129 12.82 6.76 0.61
C SER C 129 12.41 6.97 -0.84
N GLU C 130 11.16 6.65 -1.13
CA GLU C 130 10.63 6.81 -2.48
C GLU C 130 10.01 8.21 -2.54
N ASN C 131 10.76 9.17 -3.06
CA ASN C 131 10.30 10.54 -3.11
C ASN C 131 9.61 10.91 -4.41
N HIS C 132 8.49 11.61 -4.29
CA HIS C 132 7.73 12.01 -5.45
C HIS C 132 7.31 13.47 -5.32
N LEU C 133 7.46 14.24 -6.39
CA LEU C 133 7.10 15.65 -6.38
C LEU C 133 6.16 15.99 -7.52
N THR C 134 5.02 16.60 -7.23
CA THR C 134 4.10 16.97 -8.28
C THR C 134 4.01 18.47 -8.36
N VAL C 135 4.19 18.99 -9.57
CA VAL C 135 4.14 20.42 -9.76
C VAL C 135 2.97 20.78 -10.63
N SER C 136 2.18 21.76 -10.23
CA SER C 136 1.04 22.15 -11.02
C SER C 136 1.16 23.62 -11.36
N LEU C 137 0.91 23.97 -12.61
CA LEU C 137 0.93 25.36 -13.02
C LEU C 137 -0.51 25.75 -13.25
N GLN C 138 -0.94 26.79 -12.55
CA GLN C 138 -2.30 27.27 -12.69
C GLN C 138 -2.30 28.56 -13.45
N THR C 139 -2.99 28.58 -14.58
CA THR C 139 -3.07 29.76 -15.42
C THR C 139 -4.41 30.44 -15.21
N ASP C 140 -5.40 29.61 -14.86
CA ASP C 140 -6.79 30.01 -14.65
C ASP C 140 -7.07 30.79 -13.38
N HIS C 141 -6.05 31.21 -12.63
CA HIS C 141 -6.31 31.95 -11.40
C HIS C 141 -6.75 33.39 -11.66
N PRO C 142 -7.78 33.85 -10.93
CA PRO C 142 -8.37 35.19 -11.01
C PRO C 142 -7.55 36.36 -10.46
N ASP C 143 -6.78 36.10 -9.40
CA ASP C 143 -5.99 37.15 -8.76
C ASP C 143 -4.56 37.25 -9.27
N ARG C 144 -3.97 36.10 -9.57
CA ARG C 144 -2.60 36.07 -10.03
C ARG C 144 -2.47 35.66 -11.49
N GLN C 145 -1.41 36.15 -12.12
CA GLN C 145 -1.18 35.83 -13.52
C GLN C 145 -0.88 34.35 -13.66
N LEU C 146 -0.25 33.77 -12.64
CA LEU C 146 0.13 32.38 -12.69
C LEU C 146 0.61 31.87 -11.33
N ILE C 147 0.06 30.74 -10.89
CA ILE C 147 0.44 30.15 -9.61
C ILE C 147 1.11 28.80 -9.81
N LEU C 148 2.11 28.48 -8.99
CA LEU C 148 2.69 27.16 -9.09
C LEU C 148 2.66 26.43 -7.76
N TYR C 149 2.21 25.19 -7.81
CA TYR C 149 2.10 24.38 -6.62
C TYR C 149 3.08 23.26 -6.69
N LEU C 150 3.73 22.99 -5.56
CA LEU C 150 4.67 21.89 -5.49
C LEU C 150 4.20 21.07 -4.31
N ASP C 151 3.70 19.89 -4.60
CA ASP C 151 3.20 19.00 -3.57
C ASP C 151 4.12 17.79 -3.51
N PHE C 152 5.08 17.84 -2.61
CA PHE C 152 6.05 16.76 -2.44
C PHE C 152 5.60 15.77 -1.41
N HIS C 153 6.06 14.54 -1.55
CA HIS C 153 5.69 13.48 -0.65
C HIS C 153 6.76 12.40 -0.65
N GLY C 154 7.42 12.20 0.49
CA GLY C 154 8.45 11.20 0.58
C GLY C 154 9.03 11.15 1.98
N ALA C 155 10.30 11.51 2.10
CA ALA C 155 10.96 11.49 3.39
C ALA C 155 12.16 12.41 3.32
N PHE C 156 12.38 13.18 4.37
CA PHE C 156 13.50 14.10 4.36
C PHE C 156 14.64 13.60 5.22
N ALA C 157 15.83 14.11 4.91
CA ALA C 157 17.04 13.74 5.62
C ALA C 157 17.62 15.02 6.18
N ASP C 158 17.24 16.14 5.57
CA ASP C 158 17.72 17.46 5.98
C ASP C 158 16.72 18.55 5.59
N PRO C 159 15.52 18.54 6.17
CA PRO C 159 14.52 19.56 5.84
C PRO C 159 15.07 20.97 6.02
N SER C 160 16.13 21.08 6.81
CA SER C 160 16.76 22.37 7.06
C SER C 160 17.17 23.07 5.78
N ALA C 161 17.38 22.30 4.72
CA ALA C 161 17.78 22.87 3.44
C ALA C 161 16.84 23.99 3.01
N PHE C 162 15.59 23.90 3.45
CA PHE C 162 14.57 24.88 3.09
C PHE C 162 14.52 26.10 3.99
N ASP C 163 14.92 25.93 5.24
CA ASP C 163 14.88 27.02 6.20
C ASP C 163 15.23 28.38 5.60
N ASP C 164 16.37 28.46 4.92
CA ASP C 164 16.75 29.73 4.36
C ASP C 164 15.70 30.31 3.43
N ILE C 165 15.41 29.63 2.33
CA ILE C 165 14.39 30.07 1.36
C ILE C 165 13.09 30.41 2.08
N ARG C 166 12.77 29.57 3.06
CA ARG C 166 11.57 29.68 3.87
C ARG C 166 11.46 31.03 4.58
N GLN C 167 12.60 31.50 5.08
CA GLN C 167 12.65 32.76 5.80
C GLN C 167 12.84 34.01 4.93
N ASN C 168 13.81 33.97 4.02
CA ASN C 168 14.08 35.13 3.19
C ASN C 168 13.41 35.12 1.82
N GLY C 169 12.41 34.26 1.65
CA GLY C 169 11.72 34.20 0.38
C GLY C 169 12.66 34.00 -0.80
N TYR C 170 12.22 34.47 -1.97
CA TYR C 170 13.02 34.32 -3.18
C TYR C 170 12.74 35.45 -4.15
N GLU C 171 13.78 36.21 -4.48
CA GLU C 171 13.70 37.31 -5.43
C GLU C 171 12.33 37.98 -5.58
N ASP C 172 11.83 38.05 -6.81
CA ASP C 172 10.55 38.69 -7.08
C ASP C 172 9.33 37.78 -7.11
N VAL C 173 9.49 36.56 -6.59
CA VAL C 173 8.38 35.61 -6.56
C VAL C 173 7.69 35.71 -5.21
N ASP C 174 6.38 35.49 -5.20
CA ASP C 174 5.61 35.53 -3.97
C ASP C 174 5.33 34.11 -3.45
N ILE C 175 6.03 33.72 -2.40
CA ILE C 175 5.86 32.40 -1.82
C ILE C 175 4.68 32.43 -0.82
N MET C 176 3.48 32.27 -1.36
CA MET C 176 2.25 32.30 -0.56
C MET C 176 2.11 31.24 0.51
N ARG C 177 2.80 30.11 0.35
CA ARG C 177 2.68 29.05 1.33
C ARG C 177 3.84 28.08 1.25
N PHE C 178 4.24 27.53 2.38
CA PHE C 178 5.36 26.61 2.34
C PHE C 178 5.37 25.70 3.56
N GLU C 179 4.35 24.85 3.65
CA GLU C 179 4.22 23.89 4.75
C GLU C 179 5.15 22.72 4.54
N ILE C 180 5.68 22.17 5.61
CA ILE C 180 6.49 20.98 5.47
C ILE C 180 6.37 20.16 6.74
N THR C 181 5.77 18.99 6.56
CA THR C 181 5.55 18.09 7.67
C THR C 181 6.64 17.05 7.73
N SER C 182 6.31 15.87 8.22
CA SER C 182 7.29 14.80 8.39
C SER C 182 7.68 14.08 7.11
N HIS C 183 6.72 13.91 6.21
CA HIS C 183 6.98 13.21 4.94
C HIS C 183 6.51 14.00 3.74
N GLU C 184 5.81 15.10 3.98
CA GLU C 184 5.32 15.88 2.87
C GLU C 184 5.78 17.31 2.93
N CYS C 185 5.52 18.02 1.85
CA CYS C 185 5.89 19.42 1.74
C CYS C 185 4.93 20.02 0.73
N LEU C 186 4.42 21.20 1.03
CA LEU C 186 3.50 21.83 0.11
C LEU C 186 3.94 23.27 -0.08
N ILE C 187 4.33 23.61 -1.30
CA ILE C 187 4.78 24.95 -1.59
C ILE C 187 3.80 25.59 -2.55
N GLU C 188 3.52 26.87 -2.36
CA GLU C 188 2.59 27.57 -3.23
C GLU C 188 3.25 28.87 -3.61
N ILE C 189 3.41 29.10 -4.90
CA ILE C 189 4.08 30.32 -5.37
C ILE C 189 3.26 31.08 -6.38
N GLY C 190 3.10 32.37 -6.15
CA GLY C 190 2.34 33.20 -7.07
C GLY C 190 3.23 34.11 -7.89
N LEU C 191 2.82 34.36 -9.12
CA LEU C 191 3.57 35.23 -10.02
C LEU C 191 2.61 36.24 -10.60
N ASP C 192 3.04 37.50 -10.47
CA ASP C 192 2.35 38.71 -10.91
C ASP C 192 1.10 39.09 -10.11
N ASN D 11 21.39 23.30 -16.29
CA ASN D 11 22.08 23.53 -17.59
C ASN D 11 21.15 24.12 -18.65
N ILE D 12 20.98 25.45 -18.60
CA ILE D 12 20.13 26.17 -19.54
C ILE D 12 20.73 26.19 -20.96
N SER D 13 20.13 25.40 -21.86
CA SER D 13 20.58 25.28 -23.25
C SER D 13 20.05 26.41 -24.16
N ASP D 14 20.55 26.43 -25.40
CA ASP D 14 20.14 27.45 -26.36
C ASP D 14 18.64 27.41 -26.65
N THR D 15 18.06 28.60 -26.78
CA THR D 15 16.63 28.73 -27.04
C THR D 15 16.24 28.10 -28.38
N ALA D 16 17.19 28.04 -29.29
CA ALA D 16 16.95 27.45 -30.61
C ALA D 16 16.75 25.94 -30.47
N LEU D 17 17.69 25.28 -29.81
CA LEU D 17 17.62 23.84 -29.59
C LEU D 17 16.38 23.49 -28.76
N THR D 18 16.24 24.16 -27.62
CA THR D 18 15.13 23.94 -26.71
C THR D 18 13.78 23.88 -27.41
N ASN D 19 13.59 24.72 -28.42
CA ASN D 19 12.33 24.72 -29.14
C ASN D 19 12.21 23.62 -30.17
N GLU D 20 13.35 23.11 -30.62
CA GLU D 20 13.35 22.05 -31.60
C GLU D 20 13.02 20.73 -30.91
N LEU D 21 13.66 20.48 -29.77
CA LEU D 21 13.40 19.25 -29.03
C LEU D 21 11.92 19.13 -28.62
N ILE D 22 11.31 20.25 -28.26
CA ILE D 22 9.92 20.26 -27.87
C ILE D 22 9.04 19.91 -29.08
N HIS D 23 9.45 20.42 -30.23
CA HIS D 23 8.75 20.17 -31.49
C HIS D 23 8.82 18.68 -31.81
N LEU D 24 10.01 18.12 -31.63
CA LEU D 24 10.23 16.70 -31.90
C LEU D 24 9.42 15.81 -30.97
N LEU D 25 9.65 15.95 -29.67
CA LEU D 25 8.91 15.14 -28.72
C LEU D 25 7.44 15.25 -29.06
N GLY D 26 7.05 16.42 -29.57
CA GLY D 26 5.68 16.64 -29.94
C GLY D 26 5.23 15.57 -30.93
N HIS D 27 6.06 15.31 -31.92
CA HIS D 27 5.75 14.31 -32.93
C HIS D 27 5.75 12.92 -32.30
N SER D 28 6.84 12.58 -31.61
CA SER D 28 6.93 11.26 -30.98
C SER D 28 5.65 11.03 -30.22
N ARG D 29 5.23 12.04 -29.46
CA ARG D 29 4.02 11.96 -28.67
C ARG D 29 2.83 11.62 -29.57
N HIS D 30 2.64 12.40 -30.63
CA HIS D 30 1.52 12.16 -31.52
C HIS D 30 1.53 10.72 -32.01
N ASP D 31 2.71 10.19 -32.34
CA ASP D 31 2.84 8.82 -32.81
C ASP D 31 2.31 7.83 -31.78
N TRP D 32 2.91 7.83 -30.59
CA TRP D 32 2.47 6.92 -29.54
C TRP D 32 0.99 7.02 -29.25
N MET D 33 0.41 8.19 -29.41
CA MET D 33 -1.02 8.29 -29.14
C MET D 33 -1.75 7.45 -30.19
N ASN D 34 -1.16 7.33 -31.37
CA ASN D 34 -1.76 6.52 -32.43
C ASN D 34 -1.51 5.05 -32.08
N LYS D 35 -0.30 4.73 -31.66
CA LYS D 35 0.00 3.38 -31.28
C LYS D 35 -0.97 2.92 -30.19
N LEU D 36 -1.26 3.81 -29.24
CA LEU D 36 -2.18 3.44 -28.18
C LEU D 36 -3.56 3.30 -28.77
N GLN D 37 -3.86 4.13 -29.76
CA GLN D 37 -5.15 4.06 -30.42
C GLN D 37 -5.31 2.62 -30.92
N LEU D 38 -4.23 2.10 -31.52
CA LEU D 38 -4.21 0.74 -32.05
C LEU D 38 -4.43 -0.27 -30.94
N ILE D 39 -3.67 -0.12 -29.87
CA ILE D 39 -3.81 -1.05 -28.74
C ILE D 39 -5.22 -0.99 -28.18
N LYS D 40 -5.63 0.20 -27.76
CA LYS D 40 -6.95 0.44 -27.19
C LYS D 40 -8.05 -0.08 -28.10
N GLY D 41 -7.99 0.33 -29.36
CA GLY D 41 -9.00 -0.08 -30.32
C GLY D 41 -9.20 -1.58 -30.37
N ASN D 42 -8.12 -2.32 -30.58
CA ASN D 42 -8.19 -3.76 -30.67
C ASN D 42 -8.48 -4.39 -29.33
N LEU D 43 -8.12 -3.68 -28.27
CA LEU D 43 -8.35 -4.21 -26.95
C LEU D 43 -9.86 -4.23 -26.72
N SER D 44 -10.56 -3.26 -27.31
CA SER D 44 -12.00 -3.17 -27.16
C SER D 44 -12.68 -4.21 -28.05
N LEU D 45 -12.18 -4.40 -29.27
CA LEU D 45 -12.75 -5.39 -30.18
C LEU D 45 -12.44 -6.79 -29.67
N GLN D 46 -11.79 -6.86 -28.52
CA GLN D 46 -11.41 -8.11 -27.90
C GLN D 46 -10.53 -9.01 -28.75
N LYS D 47 -9.64 -8.39 -29.51
CA LYS D 47 -8.71 -9.12 -30.36
C LYS D 47 -7.36 -9.20 -29.60
N TYR D 48 -7.41 -9.76 -28.39
CA TYR D 48 -6.24 -9.87 -27.54
C TYR D 48 -4.98 -10.38 -28.24
N ASP D 49 -5.10 -11.50 -28.94
CA ASP D 49 -3.94 -12.04 -29.65
C ASP D 49 -3.31 -10.98 -30.54
N ARG D 50 -4.14 -10.12 -31.13
CA ARG D 50 -3.65 -9.08 -32.02
C ARG D 50 -2.93 -7.97 -31.28
N VAL D 51 -3.38 -7.64 -30.08
CA VAL D 51 -2.73 -6.60 -29.32
C VAL D 51 -1.29 -7.01 -28.99
N PHE D 52 -1.08 -8.23 -28.51
CA PHE D 52 0.28 -8.69 -28.20
C PHE D 52 1.13 -8.57 -29.45
N GLU D 53 0.55 -8.93 -30.59
CA GLU D 53 1.24 -8.86 -31.86
C GLU D 53 1.74 -7.45 -32.11
N MET D 54 0.82 -6.49 -32.03
CA MET D 54 1.16 -5.09 -32.23
C MET D 54 2.22 -4.65 -31.25
N ILE D 55 2.00 -4.94 -29.97
CA ILE D 55 2.96 -4.55 -28.95
C ILE D 55 4.35 -5.06 -29.35
N GLU D 56 4.41 -6.28 -29.83
CA GLU D 56 5.71 -6.83 -30.24
C GLU D 56 6.31 -6.01 -31.37
N GLU D 57 5.49 -5.67 -32.34
CA GLU D 57 5.94 -4.87 -33.47
C GLU D 57 6.55 -3.57 -32.96
N MET D 58 5.85 -2.92 -32.03
CA MET D 58 6.32 -1.67 -31.45
C MET D 58 7.66 -1.88 -30.76
N VAL D 59 7.76 -2.98 -30.02
CA VAL D 59 8.98 -3.34 -29.32
C VAL D 59 10.14 -3.44 -30.29
N ILE D 60 9.91 -4.15 -31.40
CA ILE D 60 10.94 -4.34 -32.41
C ILE D 60 11.32 -3.01 -33.04
N ASP D 61 10.34 -2.27 -33.52
CA ASP D 61 10.63 -0.98 -34.13
C ASP D 61 11.54 -0.18 -33.23
N ALA D 62 11.24 -0.22 -31.93
CA ALA D 62 12.01 0.49 -30.93
C ALA D 62 13.44 -0.05 -30.87
N LYS D 63 13.58 -1.38 -30.90
CA LYS D 63 14.91 -1.99 -30.87
C LYS D 63 15.79 -1.41 -31.97
N HIS D 64 15.30 -1.38 -33.20
CA HIS D 64 16.11 -0.86 -34.26
C HIS D 64 16.30 0.64 -34.11
N GLU D 65 15.38 1.32 -33.43
CA GLU D 65 15.53 2.75 -33.22
C GLU D 65 16.74 2.96 -32.31
N SER D 66 16.90 2.05 -31.35
CA SER D 66 18.03 2.12 -30.40
C SER D 66 19.36 1.76 -31.08
N LYS D 67 19.35 0.67 -31.84
CA LYS D 67 20.56 0.23 -32.53
C LYS D 67 21.07 1.33 -33.41
N LEU D 68 20.19 1.92 -34.22
CA LEU D 68 20.61 2.98 -35.09
C LEU D 68 21.20 4.13 -34.28
N SER D 69 20.68 4.35 -33.08
CA SER D 69 21.19 5.43 -32.24
C SER D 69 22.50 5.07 -31.55
N ASN D 70 22.95 3.84 -31.74
CA ASN D 70 24.18 3.36 -31.12
C ASN D 70 25.30 3.00 -32.09
N LEU D 71 25.25 3.55 -33.30
CA LEU D 71 26.29 3.25 -34.29
C LEU D 71 27.25 4.43 -34.36
N LYS D 72 27.12 5.37 -33.44
CA LYS D 72 27.97 6.56 -33.41
C LYS D 72 27.80 7.30 -34.74
N THR D 73 26.61 7.18 -35.32
CA THR D 73 26.26 7.85 -36.57
C THR D 73 25.06 8.74 -36.30
N PRO D 74 25.23 9.77 -35.47
CA PRO D 74 24.17 10.71 -35.10
C PRO D 74 23.41 11.34 -36.27
N HIS D 75 24.12 11.96 -37.19
CA HIS D 75 23.48 12.62 -38.32
C HIS D 75 22.58 11.69 -39.14
N LEU D 76 23.02 10.45 -39.32
CA LEU D 76 22.21 9.49 -40.06
C LEU D 76 21.00 9.17 -39.17
N ALA D 77 21.28 8.74 -37.95
CA ALA D 77 20.25 8.39 -36.99
C ALA D 77 19.20 9.49 -36.92
N PHE D 78 19.63 10.73 -36.81
CA PHE D 78 18.68 11.81 -36.72
C PHE D 78 17.80 11.93 -37.97
N ASP D 79 18.39 11.73 -39.14
CA ASP D 79 17.63 11.82 -40.38
C ASP D 79 16.57 10.73 -40.48
N PHE D 80 16.92 9.51 -40.06
CA PHE D 80 15.98 8.41 -40.10
C PHE D 80 14.92 8.59 -39.02
N LEU D 81 15.37 8.88 -37.80
CA LEU D 81 14.47 9.06 -36.68
C LEU D 81 13.44 10.15 -36.91
N THR D 82 13.79 11.20 -37.65
CA THR D 82 12.81 12.27 -37.89
C THR D 82 12.17 12.28 -39.27
N PHE D 83 12.58 11.33 -40.10
CA PHE D 83 12.06 11.26 -41.45
C PHE D 83 10.54 11.40 -41.57
N ASN D 84 9.81 10.48 -40.95
CA ASN D 84 8.35 10.52 -41.03
C ASN D 84 7.69 11.78 -40.46
N TRP D 85 8.46 12.62 -39.76
CA TRP D 85 7.89 13.85 -39.21
C TRP D 85 8.01 14.99 -40.21
N LYS D 86 8.92 14.86 -41.16
CA LYS D 86 9.12 15.86 -42.19
C LYS D 86 8.20 15.46 -43.34
N THR D 87 8.05 16.34 -44.32
CA THR D 87 7.16 16.05 -45.47
C THR D 87 7.79 15.15 -46.52
N HIS D 88 7.14 14.03 -46.82
CA HIS D 88 7.61 13.11 -47.84
C HIS D 88 6.45 12.33 -48.42
N TYR D 89 6.66 11.76 -49.61
CA TYR D 89 5.58 11.03 -50.25
C TYR D 89 5.73 9.53 -50.15
N MET D 90 6.48 9.12 -49.14
CA MET D 90 6.70 7.70 -48.86
C MET D 90 7.02 7.58 -47.37
N THR D 91 6.78 6.41 -46.80
CA THR D 91 7.05 6.21 -45.39
C THR D 91 8.35 5.44 -45.22
N LEU D 92 9.18 5.86 -44.29
CA LEU D 92 10.44 5.16 -44.09
C LEU D 92 10.41 4.26 -42.87
N GLU D 93 10.93 3.06 -43.05
CA GLU D 93 11.03 2.05 -42.02
C GLU D 93 12.49 1.59 -42.15
N TYR D 94 13.15 1.33 -41.03
CA TYR D 94 14.55 0.93 -41.11
C TYR D 94 14.93 -0.11 -40.09
N GLU D 95 15.98 -0.85 -40.38
CA GLU D 95 16.44 -1.86 -39.45
C GLU D 95 17.94 -1.91 -39.54
N VAL D 96 18.56 -2.33 -38.44
CA VAL D 96 20.00 -2.47 -38.36
C VAL D 96 20.24 -3.96 -38.18
N LEU D 97 20.80 -4.61 -39.19
CA LEU D 97 21.06 -6.05 -39.11
C LEU D 97 22.51 -6.30 -38.73
N GLY D 98 22.70 -6.99 -37.60
CA GLY D 98 24.05 -7.27 -37.13
C GLY D 98 24.32 -6.53 -35.83
N GLU D 99 25.40 -6.90 -35.15
CA GLU D 99 25.76 -6.24 -33.89
C GLU D 99 26.11 -4.79 -34.16
N ILE D 100 26.00 -3.95 -33.14
CA ILE D 100 26.34 -2.54 -33.30
C ILE D 100 27.83 -2.42 -33.61
N LYS D 101 28.19 -1.31 -34.23
CA LYS D 101 29.58 -1.07 -34.62
C LYS D 101 29.79 0.44 -34.58
N ASP D 102 31.06 0.86 -34.50
CA ASP D 102 31.40 2.29 -34.49
C ASP D 102 31.51 2.78 -35.94
N LEU D 103 30.38 2.89 -36.64
CA LEU D 103 30.38 3.33 -38.03
C LEU D 103 30.53 4.84 -38.18
N SER D 104 30.96 5.49 -37.10
CA SER D 104 31.14 6.95 -37.09
C SER D 104 31.89 7.47 -38.31
N ALA D 105 32.90 6.70 -38.72
CA ALA D 105 33.72 7.06 -39.86
C ALA D 105 32.87 7.29 -41.12
N TYR D 106 31.63 6.82 -41.09
CA TYR D 106 30.76 6.94 -42.25
C TYR D 106 29.50 7.76 -42.01
N ASP D 107 29.33 8.29 -40.81
CA ASP D 107 28.14 9.09 -40.50
C ASP D 107 27.89 10.13 -41.60
N GLN D 108 28.79 11.08 -41.76
CA GLN D 108 28.62 12.11 -42.77
C GLN D 108 28.33 11.57 -44.17
N LYS D 109 29.07 10.54 -44.58
CA LYS D 109 28.89 9.96 -45.90
C LYS D 109 27.48 9.42 -46.07
N LEU D 110 27.11 8.46 -45.22
CA LEU D 110 25.80 7.84 -45.25
C LEU D 110 24.67 8.86 -45.23
N ALA D 111 24.73 9.77 -44.27
CA ALA D 111 23.70 10.77 -44.15
C ALA D 111 23.50 11.49 -45.47
N LYS D 112 24.59 12.00 -46.05
CA LYS D 112 24.48 12.72 -47.33
C LYS D 112 23.94 11.84 -48.44
N LEU D 113 24.38 10.57 -48.45
CA LEU D 113 23.93 9.61 -49.45
C LEU D 113 22.41 9.44 -49.37
N MET D 114 21.92 9.10 -48.18
CA MET D 114 20.50 8.90 -47.98
C MET D 114 19.68 10.12 -48.30
N ARG D 115 20.22 11.29 -47.95
CA ARG D 115 19.51 12.52 -48.23
C ARG D 115 19.29 12.59 -49.73
N LYS D 116 20.32 12.20 -50.49
CA LYS D 116 20.24 12.22 -51.94
C LYS D 116 19.16 11.26 -52.41
N LEU D 117 19.28 9.99 -52.02
CA LEU D 117 18.32 8.96 -52.39
C LEU D 117 16.91 9.39 -52.07
N PHE D 118 16.68 9.76 -50.81
CA PHE D 118 15.36 10.19 -50.38
C PHE D 118 14.84 11.28 -51.32
N HIS D 119 15.71 12.22 -51.68
CA HIS D 119 15.29 13.28 -52.56
C HIS D 119 14.85 12.73 -53.91
N LEU D 120 15.59 11.75 -54.43
CA LEU D 120 15.22 11.20 -55.71
C LEU D 120 13.88 10.51 -55.64
N PHE D 121 13.69 9.71 -54.60
CA PHE D 121 12.41 9.01 -54.44
C PHE D 121 11.28 10.00 -54.42
N ASP D 122 11.51 11.14 -53.77
CA ASP D 122 10.47 12.16 -53.68
C ASP D 122 10.02 12.65 -55.03
N GLN D 123 10.96 12.80 -55.96
CA GLN D 123 10.60 13.26 -57.28
C GLN D 123 10.14 12.10 -58.14
N ALA D 124 10.49 10.89 -57.74
CA ALA D 124 10.14 9.70 -58.50
C ALA D 124 8.79 9.06 -58.20
N VAL D 125 8.47 8.92 -56.92
CA VAL D 125 7.23 8.27 -56.54
C VAL D 125 5.97 9.03 -56.90
N SER D 126 4.89 8.28 -57.09
CA SER D 126 3.60 8.87 -57.42
C SER D 126 2.98 9.33 -56.11
N ARG D 127 2.00 10.23 -56.18
CA ARG D 127 1.40 10.71 -54.95
C ARG D 127 0.00 10.16 -54.66
N GLU D 128 -0.57 9.41 -55.59
CA GLU D 128 -1.87 8.83 -55.34
C GLU D 128 -1.66 7.42 -54.78
N SER D 129 -0.40 7.01 -54.78
CA SER D 129 -0.03 5.68 -54.30
C SER D 129 0.48 5.69 -52.86
N GLU D 130 0.35 4.55 -52.22
CA GLU D 130 0.80 4.37 -50.85
C GLU D 130 2.25 3.86 -50.95
N ASN D 131 3.22 4.76 -50.85
CA ASN D 131 4.62 4.39 -50.96
C ASN D 131 5.32 4.10 -49.65
N HIS D 132 6.06 3.00 -49.63
CA HIS D 132 6.79 2.58 -48.44
C HIS D 132 8.22 2.22 -48.80
N LEU D 133 9.16 2.67 -47.99
CA LEU D 133 10.58 2.40 -48.21
C LEU D 133 11.22 1.81 -46.98
N THR D 134 11.85 0.65 -47.11
CA THR D 134 12.51 0.00 -45.98
C THR D 134 14.00 0.04 -46.19
N VAL D 135 14.74 0.57 -45.22
CA VAL D 135 16.18 0.62 -45.35
C VAL D 135 16.81 -0.26 -44.31
N SER D 136 17.74 -1.09 -44.72
CA SER D 136 18.39 -1.97 -43.77
C SER D 136 19.90 -1.71 -43.79
N LEU D 137 20.50 -1.60 -42.61
CA LEU D 137 21.93 -1.40 -42.50
C LEU D 137 22.51 -2.71 -42.03
N GLN D 138 23.43 -3.26 -42.81
CA GLN D 138 24.04 -4.51 -42.46
C GLN D 138 25.48 -4.25 -42.01
N THR D 139 25.79 -4.62 -40.77
CA THR D 139 27.13 -4.43 -40.24
C THR D 139 27.87 -5.76 -40.22
N ASP D 140 27.08 -6.82 -40.13
CA ASP D 140 27.52 -8.21 -40.05
C ASP D 140 28.06 -8.80 -41.35
N HIS D 141 28.24 -8.00 -42.40
CA HIS D 141 28.74 -8.55 -43.65
C HIS D 141 30.25 -8.85 -43.62
N PRO D 142 30.65 -10.03 -44.14
CA PRO D 142 32.06 -10.45 -44.17
C PRO D 142 32.98 -9.81 -45.21
N ASP D 143 32.44 -9.35 -46.33
CA ASP D 143 33.27 -8.74 -47.36
C ASP D 143 33.32 -7.22 -47.26
N ARG D 144 32.21 -6.61 -46.88
CA ARG D 144 32.15 -5.17 -46.79
C ARG D 144 32.01 -4.66 -45.38
N GLN D 145 32.52 -3.46 -45.15
CA GLN D 145 32.45 -2.86 -43.82
C GLN D 145 31.01 -2.61 -43.45
N LEU D 146 30.19 -2.29 -44.44
CA LEU D 146 28.79 -1.98 -44.18
C LEU D 146 28.00 -1.91 -45.48
N ILE D 147 26.87 -2.60 -45.50
CA ILE D 147 25.99 -2.61 -46.67
C ILE D 147 24.65 -1.94 -46.34
N LEU D 148 24.08 -1.26 -47.33
CA LEU D 148 22.81 -0.57 -47.16
C LEU D 148 21.80 -1.09 -48.17
N TYR D 149 20.65 -1.56 -47.71
CA TYR D 149 19.60 -2.06 -48.61
C TYR D 149 18.41 -1.13 -48.57
N LEU D 150 17.88 -0.81 -49.73
CA LEU D 150 16.71 0.04 -49.81
C LEU D 150 15.72 -0.76 -50.61
N ASP D 151 14.66 -1.22 -49.97
CA ASP D 151 13.63 -1.99 -50.64
C ASP D 151 12.37 -1.16 -50.64
N PHE D 152 12.15 -0.48 -51.76
CA PHE D 152 10.99 0.38 -51.92
C PHE D 152 9.83 -0.39 -52.54
N HIS D 153 8.62 0.05 -52.23
CA HIS D 153 7.43 -0.58 -52.76
C HIS D 153 6.28 0.41 -52.81
N GLY D 154 5.80 0.74 -54.01
CA GLY D 154 4.70 1.66 -54.14
C GLY D 154 4.31 1.85 -55.60
N ALA D 155 4.54 3.05 -56.11
CA ALA D 155 4.20 3.34 -57.49
C ALA D 155 4.98 4.55 -57.92
N PHE D 156 5.48 4.51 -59.14
CA PHE D 156 6.25 5.62 -59.63
C PHE D 156 5.48 6.49 -60.59
N ALA D 157 5.93 7.73 -60.72
CA ALA D 157 5.30 8.67 -61.64
C ALA D 157 6.40 9.11 -62.57
N ASP D 158 7.65 8.97 -62.13
CA ASP D 158 8.78 9.35 -62.95
C ASP D 158 10.05 8.58 -62.56
N PRO D 159 10.06 7.26 -62.81
CA PRO D 159 11.20 6.41 -62.49
C PRO D 159 12.50 6.97 -63.07
N SER D 160 12.34 7.78 -64.11
CA SER D 160 13.45 8.40 -64.81
C SER D 160 14.38 9.14 -63.83
N ALA D 161 13.81 9.62 -62.74
CA ALA D 161 14.62 10.36 -61.78
C ALA D 161 15.87 9.59 -61.37
N PHE D 162 15.81 8.27 -61.43
CA PHE D 162 16.95 7.46 -61.05
C PHE D 162 17.97 7.20 -62.16
N ASP D 163 17.50 7.26 -63.41
CA ASP D 163 18.36 7.02 -64.57
C ASP D 163 19.77 7.52 -64.34
N ASP D 164 19.87 8.79 -64.02
CA ASP D 164 21.16 9.42 -63.79
C ASP D 164 22.03 8.65 -62.83
N ILE D 165 21.64 8.64 -61.55
CA ILE D 165 22.41 7.95 -60.54
C ILE D 165 22.66 6.49 -60.93
N ARG D 166 21.67 5.90 -61.62
CA ARG D 166 21.78 4.50 -62.05
C ARG D 166 22.95 4.27 -63.00
N GLN D 167 23.18 5.26 -63.87
CA GLN D 167 24.24 5.19 -64.86
C GLN D 167 25.62 5.63 -64.35
N ASN D 168 25.68 6.81 -63.73
CA ASN D 168 26.95 7.34 -63.26
C ASN D 168 27.29 7.04 -61.81
N GLY D 169 26.57 6.10 -61.20
CA GLY D 169 26.83 5.76 -59.82
C GLY D 169 26.80 6.97 -58.90
N TYR D 170 27.51 6.89 -57.78
CA TYR D 170 27.56 7.99 -56.83
C TYR D 170 28.88 8.01 -56.08
N GLU D 171 29.58 9.13 -56.20
CA GLU D 171 30.85 9.35 -55.53
C GLU D 171 31.66 8.09 -55.20
N ASP D 172 32.02 7.94 -53.92
CA ASP D 172 32.83 6.82 -53.45
C ASP D 172 32.06 5.61 -52.95
N VAL D 173 30.76 5.58 -53.20
CA VAL D 173 29.94 4.46 -52.75
C VAL D 173 29.80 3.44 -53.88
N ASP D 174 29.72 2.16 -53.50
CA ASP D 174 29.59 1.10 -54.47
C ASP D 174 28.13 0.65 -54.60
N ILE D 175 27.45 1.04 -55.69
CA ILE D 175 26.07 0.62 -55.86
C ILE D 175 26.02 -0.77 -56.52
N MET D 176 26.10 -1.79 -55.68
CA MET D 176 26.10 -3.16 -56.14
C MET D 176 24.86 -3.63 -56.87
N ARG D 177 23.73 -2.97 -56.65
CA ARG D 177 22.49 -3.39 -57.31
C ARG D 177 21.47 -2.28 -57.32
N PHE D 178 20.67 -2.21 -58.37
CA PHE D 178 19.68 -1.14 -58.43
C PHE D 178 18.53 -1.50 -59.36
N GLU D 179 17.78 -2.54 -59.00
CA GLU D 179 16.66 -2.99 -59.80
C GLU D 179 15.45 -2.11 -59.56
N ILE D 180 14.66 -1.88 -60.59
CA ILE D 180 13.45 -1.11 -60.43
C ILE D 180 12.39 -1.61 -61.40
N THR D 181 11.36 -2.20 -60.82
CA THR D 181 10.27 -2.78 -61.56
C THR D 181 9.14 -1.76 -61.69
N SER D 182 7.92 -2.26 -61.85
CA SER D 182 6.75 -1.41 -62.02
C SER D 182 6.28 -0.71 -60.75
N HIS D 183 6.40 -1.38 -59.60
CA HIS D 183 5.96 -0.80 -58.35
C HIS D 183 6.99 -0.92 -57.23
N GLU D 184 8.07 -1.63 -57.52
CA GLU D 184 9.10 -1.81 -56.52
C GLU D 184 10.44 -1.33 -57.02
N CYS D 185 11.38 -1.24 -56.10
CA CYS D 185 12.73 -0.82 -56.41
C CYS D 185 13.60 -1.44 -55.35
N LEU D 186 14.74 -1.96 -55.75
CA LEU D 186 15.64 -2.58 -54.80
C LEU D 186 17.03 -2.03 -55.02
N ILE D 187 17.55 -1.30 -54.05
CA ILE D 187 18.90 -0.76 -54.20
C ILE D 187 19.80 -1.43 -53.19
N GLU D 188 21.04 -1.70 -53.59
CA GLU D 188 21.97 -2.34 -52.69
C GLU D 188 23.27 -1.54 -52.77
N ILE D 189 23.73 -1.01 -51.64
CA ILE D 189 24.95 -0.21 -51.62
C ILE D 189 25.97 -0.70 -50.62
N GLY D 190 27.20 -0.85 -51.09
CA GLY D 190 28.25 -1.32 -50.20
C GLY D 190 29.23 -0.21 -49.86
N LEU D 191 29.78 -0.27 -48.66
CA LEU D 191 30.73 0.73 -48.22
C LEU D 191 31.87 0.09 -47.47
N ASP D 192 33.02 0.76 -47.44
CA ASP D 192 34.16 0.23 -46.69
C ASP D 192 34.90 1.34 -45.97
N ASN E 3 22.18 -30.44 38.07
CA ASN E 3 22.18 -30.59 39.56
C ASN E 3 21.98 -29.24 40.27
N GLU E 4 21.82 -28.17 39.50
CA GLU E 4 21.60 -26.84 40.07
C GLU E 4 20.10 -26.58 40.22
N LYS E 5 19.71 -26.21 41.44
CA LYS E 5 18.32 -25.96 41.79
C LYS E 5 17.74 -24.59 41.43
N ILE E 6 16.64 -24.60 40.68
CA ILE E 6 15.94 -23.38 40.28
C ILE E 6 14.44 -23.41 40.65
N LEU E 7 14.01 -22.40 41.40
CA LEU E 7 12.62 -22.32 41.82
C LEU E 7 11.82 -21.34 40.96
N ILE E 8 10.69 -21.82 40.43
CA ILE E 8 9.80 -21.02 39.61
C ILE E 8 8.59 -20.65 40.47
N VAL E 9 8.31 -19.37 40.63
CA VAL E 9 7.16 -18.96 41.43
C VAL E 9 6.27 -18.00 40.65
N ASP E 10 5.10 -18.50 40.25
CA ASP E 10 4.14 -17.74 39.49
C ASP E 10 2.76 -18.33 39.78
N ASP E 11 1.75 -17.46 39.87
CA ASP E 11 0.40 -17.95 40.13
C ASP E 11 -0.11 -18.55 38.86
N GLN E 12 0.31 -17.96 37.75
CA GLN E 12 -0.10 -18.42 36.43
C GLN E 12 0.51 -19.79 36.16
N SER E 13 -0.33 -20.82 36.16
CA SER E 13 0.13 -22.19 35.93
C SER E 13 0.91 -22.38 34.64
N GLY E 14 0.27 -22.10 33.52
CA GLY E 14 0.93 -22.25 32.24
C GLY E 14 2.36 -21.72 32.24
N ILE E 15 2.59 -20.60 32.91
CA ILE E 15 3.92 -20.00 32.96
C ILE E 15 4.89 -20.89 33.73
N ARG E 16 4.40 -21.53 34.77
CA ARG E 16 5.24 -22.42 35.56
C ARG E 16 5.63 -23.57 34.65
N ILE E 17 4.63 -24.18 34.03
CA ILE E 17 4.87 -25.29 33.12
C ILE E 17 5.86 -24.92 32.03
N LEU E 18 5.65 -23.77 31.42
CA LEU E 18 6.52 -23.29 30.36
C LEU E 18 7.97 -23.24 30.81
N LEU E 19 8.24 -22.41 31.82
CA LEU E 19 9.60 -22.25 32.35
C LEU E 19 10.22 -23.53 32.85
N ASN E 20 9.40 -24.39 33.45
CA ASN E 20 9.90 -25.65 33.97
C ASN E 20 10.45 -26.49 32.82
N GLU E 21 9.66 -26.60 31.76
CA GLU E 21 10.06 -27.37 30.60
C GLU E 21 11.21 -26.71 29.85
N VAL E 22 11.66 -25.57 30.37
CA VAL E 22 12.76 -24.85 29.74
C VAL E 22 14.08 -25.20 30.39
N PHE E 23 14.15 -25.04 31.71
CA PHE E 23 15.37 -25.32 32.43
C PHE E 23 15.68 -26.80 32.56
N ASN E 24 14.78 -27.65 32.09
CA ASN E 24 15.05 -29.08 32.14
C ASN E 24 15.88 -29.44 30.93
N LYS E 25 15.67 -28.71 29.85
CA LYS E 25 16.43 -28.94 28.63
C LYS E 25 17.87 -28.51 28.90
N GLU E 26 18.06 -27.73 29.97
CA GLU E 26 19.39 -27.24 30.35
C GLU E 26 19.95 -28.06 31.50
N GLY E 27 19.31 -29.19 31.79
CA GLY E 27 19.78 -30.05 32.86
C GLY E 27 19.72 -29.49 34.27
N TYR E 28 18.75 -28.61 34.52
CA TYR E 28 18.60 -28.01 35.83
C TYR E 28 17.56 -28.77 36.64
N GLN E 29 17.69 -28.68 37.95
CA GLN E 29 16.76 -29.34 38.86
C GLN E 29 15.70 -28.29 39.13
N THR E 30 14.55 -28.42 38.48
CA THR E 30 13.47 -27.44 38.62
C THR E 30 12.43 -27.70 39.69
N PHE E 31 12.03 -26.63 40.35
CA PHE E 31 11.02 -26.69 41.40
C PHE E 31 10.03 -25.59 41.05
N GLN E 32 8.79 -25.73 41.50
CA GLN E 32 7.78 -24.70 41.24
C GLN E 32 6.72 -24.57 42.30
N ALA E 33 6.34 -23.33 42.56
CA ALA E 33 5.33 -23.04 43.56
C ALA E 33 4.29 -22.14 42.92
N ALA E 34 3.05 -22.27 43.35
CA ALA E 34 2.00 -21.44 42.79
C ALA E 34 1.81 -20.21 43.67
N ASN E 35 2.22 -20.30 44.93
CA ASN E 35 2.04 -19.16 45.82
C ASN E 35 3.14 -18.95 46.86
N GLY E 36 3.07 -17.81 47.53
CA GLY E 36 4.06 -17.43 48.52
C GLY E 36 4.49 -18.50 49.50
N LEU E 37 3.57 -18.93 50.35
CA LEU E 37 3.86 -19.95 51.33
C LEU E 37 4.51 -21.18 50.69
N GLN E 38 3.92 -21.71 49.63
CA GLN E 38 4.48 -22.88 48.96
C GLN E 38 5.92 -22.63 48.59
N ALA E 39 6.20 -21.40 48.15
CA ALA E 39 7.54 -21.02 47.75
C ALA E 39 8.47 -21.01 48.95
N LEU E 40 8.09 -20.24 49.97
CA LEU E 40 8.88 -20.16 51.19
C LEU E 40 9.27 -21.52 51.73
N ASP E 41 8.40 -22.51 51.56
CA ASP E 41 8.72 -23.87 52.05
C ASP E 41 9.78 -24.48 51.16
N ILE E 42 9.56 -24.43 49.85
CA ILE E 42 10.52 -25.01 48.93
C ILE E 42 11.90 -24.37 49.06
N VAL E 43 11.93 -23.13 49.51
CA VAL E 43 13.20 -22.44 49.70
C VAL E 43 13.84 -22.96 50.99
N THR E 44 13.05 -23.08 52.04
CA THR E 44 13.54 -23.59 53.31
C THR E 44 14.14 -24.98 53.11
N LYS E 45 13.30 -25.91 52.68
CA LYS E 45 13.71 -27.30 52.48
C LYS E 45 14.77 -27.46 51.40
N GLU E 46 14.35 -27.33 50.14
CA GLU E 46 15.26 -27.50 49.01
C GLU E 46 16.42 -26.52 48.85
N ARG E 47 16.30 -25.30 49.41
CA ARG E 47 17.36 -24.29 49.29
C ARG E 47 17.84 -24.19 47.84
N PRO E 48 17.04 -23.53 46.99
CA PRO E 48 17.41 -23.38 45.58
C PRO E 48 18.54 -22.37 45.34
N ASP E 49 19.20 -22.50 44.20
CA ASP E 49 20.28 -21.60 43.83
C ASP E 49 19.68 -20.31 43.32
N LEU E 50 18.91 -20.42 42.25
CA LEU E 50 18.25 -19.27 41.62
C LEU E 50 16.72 -19.34 41.80
N VAL E 51 16.08 -18.18 41.79
CA VAL E 51 14.62 -18.14 41.93
C VAL E 51 13.99 -17.19 40.93
N LEU E 52 13.03 -17.69 40.16
CA LEU E 52 12.30 -16.85 39.20
C LEU E 52 11.00 -16.52 39.90
N LEU E 53 10.88 -15.29 40.38
CA LEU E 53 9.73 -14.84 41.12
C LEU E 53 8.79 -13.88 40.39
N BFD E 54 7.50 -14.25 40.31
CA BFD E 54 6.50 -13.38 39.68
C BFD E 54 6.10 -12.36 40.74
O BFD E 54 6.05 -12.70 41.93
CB BFD E 54 5.28 -14.22 39.28
CG BFD E 54 4.17 -13.37 38.68
OD1 BFD E 54 4.41 -12.69 37.65
OD2 BFD E 54 3.05 -13.40 39.24
BE BFD E 54 3.58 -11.33 37.44
F1 BFD E 54 2.21 -11.44 38.00
F2 BFD E 54 3.45 -11.02 35.98
F3 BFD E 54 4.27 -10.21 38.11
N MET E 55 5.83 -11.12 40.34
CA MET E 55 5.47 -10.10 41.32
C MET E 55 4.00 -10.12 41.69
N LYS E 56 3.14 -10.21 40.69
CA LYS E 56 1.71 -10.22 40.94
C LYS E 56 1.17 -11.62 41.17
N ILE E 57 1.11 -11.99 42.45
CA ILE E 57 0.60 -13.28 42.87
C ILE E 57 -0.52 -12.96 43.85
N PRO E 58 -1.67 -13.64 43.73
CA PRO E 58 -2.78 -13.37 44.64
C PRO E 58 -2.52 -13.84 46.06
N GLY E 59 -2.70 -12.93 47.02
CA GLY E 59 -2.48 -13.29 48.40
C GLY E 59 -1.21 -12.70 48.94
N MET E 60 -0.07 -13.24 48.52
CA MET E 60 1.22 -12.74 48.98
C MET E 60 2.06 -12.40 47.75
N ASP E 61 2.21 -11.11 47.46
CA ASP E 61 2.97 -10.69 46.29
C ASP E 61 4.48 -10.87 46.38
N GLY E 62 5.14 -10.86 45.23
CA GLY E 62 6.57 -11.03 45.15
C GLY E 62 7.39 -10.27 46.17
N ILE E 63 7.19 -8.96 46.25
CA ILE E 63 7.94 -8.15 47.19
C ILE E 63 7.86 -8.73 48.57
N GLU E 64 6.66 -9.14 48.97
CA GLU E 64 6.47 -9.71 50.29
C GLU E 64 7.21 -11.03 50.45
N ILE E 65 7.10 -11.93 49.46
CA ILE E 65 7.79 -13.21 49.58
C ILE E 65 9.30 -13.06 49.36
N LEU E 66 9.70 -12.12 48.49
CA LEU E 66 11.13 -11.90 48.21
C LEU E 66 11.79 -11.37 49.48
N LYS E 67 10.99 -10.69 50.29
CA LYS E 67 11.43 -10.13 51.55
C LYS E 67 11.59 -11.28 52.55
N ARG E 68 10.68 -12.25 52.48
CA ARG E 68 10.74 -13.41 53.36
C ARG E 68 11.83 -14.40 52.96
N MET E 69 12.01 -14.62 51.66
CA MET E 69 13.03 -15.55 51.19
C MET E 69 14.38 -15.08 51.68
N LYS E 70 14.52 -13.76 51.81
CA LYS E 70 15.76 -13.14 52.28
C LYS E 70 16.06 -13.49 53.74
N VAL E 71 15.02 -13.46 54.58
CA VAL E 71 15.18 -13.81 55.99
C VAL E 71 15.73 -15.24 56.08
N ILE E 72 15.22 -16.14 55.26
CA ILE E 72 15.69 -17.53 55.28
C ILE E 72 17.12 -17.63 54.80
N ASP E 73 17.35 -17.26 53.54
CA ASP E 73 18.67 -17.30 52.94
C ASP E 73 19.06 -15.95 52.34
N GLU E 74 19.79 -15.16 53.10
CA GLU E 74 20.23 -13.83 52.67
C GLU E 74 20.91 -13.83 51.30
N ASN E 75 21.59 -14.93 50.98
CA ASN E 75 22.29 -15.06 49.71
C ASN E 75 21.42 -15.70 48.64
N ILE E 76 20.13 -15.42 48.68
CA ILE E 76 19.18 -15.98 47.72
C ILE E 76 19.23 -15.21 46.40
N ARG E 77 19.53 -15.92 45.31
CA ARG E 77 19.59 -15.31 43.98
C ARG E 77 18.18 -15.21 43.41
N VAL E 78 17.66 -14.00 43.29
CA VAL E 78 16.31 -13.82 42.78
C VAL E 78 16.17 -12.92 41.57
N ILE E 79 15.64 -13.48 40.51
CA ILE E 79 15.39 -12.73 39.29
C ILE E 79 13.87 -12.60 39.27
N ILE E 80 13.35 -11.39 39.41
CA ILE E 80 11.90 -11.23 39.38
C ILE E 80 11.48 -11.09 37.92
N MET E 81 10.22 -11.42 37.66
CA MET E 81 9.67 -11.30 36.32
C MET E 81 8.24 -10.79 36.51
N THR E 82 7.82 -9.88 35.64
CA THR E 82 6.50 -9.31 35.75
C THR E 82 6.20 -8.54 34.48
N ALA E 83 5.03 -7.91 34.43
CA ALA E 83 4.65 -7.14 33.27
C ALA E 83 5.15 -5.72 33.41
N TYR E 84 5.54 -5.14 32.28
CA TYR E 84 6.01 -3.76 32.27
C TYR E 84 4.96 -2.95 32.99
N GLY E 85 5.34 -1.83 33.57
CA GLY E 85 4.37 -1.00 34.25
C GLY E 85 4.20 -1.33 35.70
N GLU E 86 5.21 -1.96 36.27
CA GLU E 86 5.21 -2.32 37.68
C GLU E 86 6.48 -1.67 38.23
N LEU E 87 6.73 -0.44 37.81
CA LEU E 87 7.91 0.31 38.21
C LEU E 87 8.15 0.37 39.71
N ASP E 88 7.08 0.28 40.49
CA ASP E 88 7.20 0.33 41.94
C ASP E 88 7.94 -0.91 42.44
N MET E 89 7.27 -2.06 42.34
CA MET E 89 7.83 -3.31 42.79
C MET E 89 9.18 -3.63 42.12
N ILE E 90 9.32 -3.28 40.85
CA ILE E 90 10.57 -3.54 40.16
C ILE E 90 11.70 -2.82 40.89
N GLN E 91 11.41 -1.60 41.34
CA GLN E 91 12.40 -0.79 42.06
C GLN E 91 12.62 -1.35 43.45
N GLU E 92 11.53 -1.61 44.16
CA GLU E 92 11.62 -2.18 45.49
C GLU E 92 12.45 -3.47 45.50
N SER E 93 12.15 -4.37 44.59
CA SER E 93 12.86 -5.65 44.51
C SER E 93 14.35 -5.46 44.29
N LYS E 94 14.71 -4.41 43.56
CA LYS E 94 16.11 -4.17 43.29
C LYS E 94 16.83 -3.73 44.56
N GLU E 95 16.15 -2.92 45.36
CA GLU E 95 16.71 -2.43 46.60
C GLU E 95 16.78 -3.56 47.62
N LEU E 96 15.86 -4.52 47.52
CA LEU E 96 15.83 -5.66 48.43
C LEU E 96 16.82 -6.78 48.09
N GLY E 97 17.44 -6.71 46.92
CA GLY E 97 18.40 -7.74 46.58
C GLY E 97 18.05 -8.64 45.43
N ALA E 98 17.40 -8.08 44.42
CA ALA E 98 17.04 -8.86 43.27
C ALA E 98 18.10 -8.67 42.19
N LEU E 99 18.64 -9.76 41.68
CA LEU E 99 19.66 -9.68 40.64
C LEU E 99 19.25 -8.74 39.53
N THR E 100 18.22 -9.15 38.79
CA THR E 100 17.72 -8.36 37.68
C THR E 100 16.23 -8.58 37.62
N HIS E 101 15.69 -8.54 36.41
CA HIS E 101 14.27 -8.78 36.22
C HIS E 101 13.99 -9.00 34.74
N PHE E 102 12.76 -9.38 34.43
CA PHE E 102 12.34 -9.62 33.06
C PHE E 102 10.87 -9.23 32.94
N ALA E 103 10.56 -8.47 31.90
CA ALA E 103 9.20 -8.03 31.69
C ALA E 103 8.53 -9.02 30.75
N LYS E 104 7.36 -9.49 31.13
CA LYS E 104 6.61 -10.42 30.30
C LYS E 104 5.99 -9.59 29.18
N PRO E 105 5.94 -10.15 27.96
CA PRO E 105 6.41 -11.49 27.62
C PRO E 105 7.87 -11.46 27.16
N PHE E 106 8.72 -12.09 27.95
CA PHE E 106 10.15 -12.16 27.69
C PHE E 106 10.50 -13.26 26.70
N ASP E 107 11.70 -13.16 26.14
CA ASP E 107 12.17 -14.15 25.17
C ASP E 107 12.65 -15.37 25.91
N ILE E 108 12.02 -16.51 25.63
CA ILE E 108 12.37 -17.77 26.28
C ILE E 108 13.87 -18.02 26.20
N ASP E 109 14.55 -17.29 25.32
CA ASP E 109 15.98 -17.45 25.16
C ASP E 109 16.81 -16.65 26.18
N GLU E 110 16.72 -15.33 26.13
CA GLU E 110 17.48 -14.49 27.04
C GLU E 110 17.24 -14.77 28.51
N ILE E 111 16.08 -15.35 28.84
CA ILE E 111 15.82 -15.64 30.24
C ILE E 111 16.70 -16.81 30.66
N ARG E 112 16.89 -17.75 29.71
CA ARG E 112 17.69 -18.95 29.92
C ARG E 112 19.16 -18.62 30.03
N ASP E 113 19.56 -17.49 29.46
CA ASP E 113 20.94 -17.08 29.54
C ASP E 113 21.15 -16.45 30.90
N ALA E 114 20.29 -15.47 31.21
CA ALA E 114 20.36 -14.77 32.49
C ALA E 114 20.52 -15.73 33.65
N VAL E 115 19.91 -16.91 33.52
CA VAL E 115 20.01 -17.91 34.57
C VAL E 115 21.38 -18.57 34.49
N LYS E 116 21.78 -18.98 33.29
CA LYS E 116 23.10 -19.61 33.15
C LYS E 116 24.17 -18.62 33.57
N LYS E 117 23.91 -17.34 33.32
CA LYS E 117 24.83 -16.28 33.69
C LYS E 117 24.90 -16.22 35.22
N TYR E 118 23.86 -15.66 35.84
CA TYR E 118 23.77 -15.51 37.28
C TYR E 118 23.99 -16.79 38.09
N LEU E 119 24.07 -17.93 37.40
CA LEU E 119 24.26 -19.21 38.07
C LEU E 119 25.66 -19.78 37.79
N PRO E 120 26.46 -20.00 38.85
CA PRO E 120 27.82 -20.55 38.74
C PRO E 120 27.94 -21.82 37.89
N LEU E 121 28.62 -22.83 38.45
CA LEU E 121 28.81 -24.11 37.75
C LEU E 121 28.69 -25.32 38.69
N ASN F 3 -10.97 -15.97 -10.83
CA ASN F 3 -11.65 -14.84 -11.52
C ASN F 3 -12.86 -14.33 -10.72
N GLU F 4 -13.14 -14.98 -9.60
CA GLU F 4 -14.26 -14.57 -8.77
C GLU F 4 -13.82 -13.47 -7.81
N LYS F 5 -14.59 -12.37 -7.78
CA LYS F 5 -14.27 -11.20 -6.94
C LYS F 5 -14.75 -11.24 -5.49
N ILE F 6 -13.81 -10.97 -4.57
CA ILE F 6 -14.09 -10.96 -3.14
C ILE F 6 -13.60 -9.67 -2.47
N LEU F 7 -14.51 -8.97 -1.82
CA LEU F 7 -14.16 -7.73 -1.14
C LEU F 7 -13.94 -7.95 0.36
N ILE F 8 -12.78 -7.53 0.86
CA ILE F 8 -12.44 -7.65 2.28
C ILE F 8 -12.59 -6.27 2.93
N VAL F 9 -13.46 -6.15 3.92
CA VAL F 9 -13.62 -4.85 4.56
C VAL F 9 -13.42 -4.93 6.05
N ASP F 10 -12.31 -4.37 6.53
CA ASP F 10 -11.99 -4.36 7.95
C ASP F 10 -11.10 -3.17 8.24
N ASP F 11 -11.34 -2.47 9.34
CA ASP F 11 -10.51 -1.32 9.68
C ASP F 11 -9.13 -1.80 10.05
N GLN F 12 -9.08 -2.93 10.74
CA GLN F 12 -7.84 -3.53 11.17
C GLN F 12 -7.07 -3.92 9.92
N SER F 13 -5.88 -3.35 9.74
CA SER F 13 -5.05 -3.66 8.57
C SER F 13 -4.60 -5.12 8.49
N GLY F 14 -3.90 -5.59 9.51
CA GLY F 14 -3.42 -6.97 9.54
C GLY F 14 -4.48 -7.97 9.14
N ILE F 15 -5.73 -7.70 9.48
CA ILE F 15 -6.79 -8.62 9.11
C ILE F 15 -7.04 -8.62 7.62
N ARG F 16 -6.94 -7.45 6.98
CA ARG F 16 -7.17 -7.37 5.54
C ARG F 16 -6.04 -8.14 4.86
N ILE F 17 -4.81 -7.88 5.29
CA ILE F 17 -3.65 -8.55 4.73
C ILE F 17 -3.79 -10.06 4.87
N LEU F 18 -4.12 -10.50 6.08
CA LEU F 18 -4.28 -11.93 6.34
C LEU F 18 -5.26 -12.58 5.37
N LEU F 19 -6.50 -12.13 5.38
CA LEU F 19 -7.52 -12.69 4.52
C LEU F 19 -7.17 -12.55 3.06
N ASN F 20 -6.52 -11.45 2.70
CA ASN F 20 -6.17 -11.24 1.30
C ASN F 20 -5.23 -12.35 0.84
N GLU F 21 -4.23 -12.62 1.66
CA GLU F 21 -3.24 -13.65 1.37
C GLU F 21 -3.86 -15.04 1.44
N VAL F 22 -5.12 -15.12 1.83
CA VAL F 22 -5.79 -16.41 1.95
C VAL F 22 -6.54 -16.76 0.66
N PHE F 23 -7.40 -15.85 0.22
CA PHE F 23 -8.19 -16.06 -0.97
C PHE F 23 -7.40 -15.99 -2.27
N ASN F 24 -6.10 -15.74 -2.16
CA ASN F 24 -5.26 -15.69 -3.34
C ASN F 24 -4.75 -17.09 -3.56
N LYS F 25 -4.65 -17.85 -2.48
CA LYS F 25 -4.20 -19.23 -2.56
C LYS F 25 -5.32 -20.03 -3.20
N GLU F 26 -6.51 -19.44 -3.24
CA GLU F 26 -7.67 -20.10 -3.82
C GLU F 26 -7.97 -19.49 -5.19
N GLY F 27 -7.01 -18.75 -5.72
CA GLY F 27 -7.20 -18.15 -7.03
C GLY F 27 -8.38 -17.22 -7.18
N TYR F 28 -8.65 -16.42 -6.15
CA TYR F 28 -9.75 -15.46 -6.18
C TYR F 28 -9.18 -14.09 -6.45
N GLN F 29 -10.01 -13.20 -6.97
CA GLN F 29 -9.56 -11.85 -7.25
C GLN F 29 -9.93 -11.05 -5.99
N THR F 30 -8.93 -10.74 -5.17
CA THR F 30 -9.16 -10.04 -3.92
C THR F 30 -9.06 -8.51 -3.91
N PHE F 31 -10.03 -7.90 -3.25
CA PHE F 31 -10.11 -6.45 -3.11
C PHE F 31 -10.25 -6.14 -1.64
N GLN F 32 -9.79 -4.97 -1.23
CA GLN F 32 -9.89 -4.60 0.17
C GLN F 32 -10.07 -3.12 0.43
N ALA F 33 -10.94 -2.82 1.40
CA ALA F 33 -11.24 -1.46 1.82
C ALA F 33 -11.04 -1.39 3.32
N ALA F 34 -10.57 -0.26 3.79
CA ALA F 34 -10.35 -0.12 5.22
C ALA F 34 -11.54 0.63 5.82
N ASN F 35 -12.39 1.22 4.98
CA ASN F 35 -13.56 1.92 5.52
C ASN F 35 -14.79 1.96 4.65
N GLY F 36 -15.91 2.30 5.27
CA GLY F 36 -17.19 2.36 4.60
C GLY F 36 -17.16 2.89 3.18
N LEU F 37 -16.86 4.18 3.05
CA LEU F 37 -16.81 4.82 1.74
C LEU F 37 -15.92 4.05 0.73
N GLN F 38 -14.71 3.67 1.16
CA GLN F 38 -13.80 2.94 0.29
C GLN F 38 -14.43 1.65 -0.20
N ALA F 39 -15.21 1.02 0.67
CA ALA F 39 -15.88 -0.22 0.31
C ALA F 39 -16.96 0.08 -0.74
N LEU F 40 -17.90 0.95 -0.39
CA LEU F 40 -18.97 1.33 -1.28
C LEU F 40 -18.51 1.69 -2.68
N ASP F 41 -17.29 2.20 -2.81
CA ASP F 41 -16.82 2.51 -4.16
C ASP F 41 -16.44 1.19 -4.82
N ILE F 42 -15.56 0.43 -4.18
CA ILE F 42 -15.14 -0.85 -4.72
C ILE F 42 -16.33 -1.74 -5.10
N VAL F 43 -17.45 -1.57 -4.42
CA VAL F 43 -18.62 -2.36 -4.75
C VAL F 43 -19.21 -1.81 -6.04
N THR F 44 -19.40 -0.49 -6.08
CA THR F 44 -19.96 0.16 -7.26
C THR F 44 -19.17 -0.24 -8.49
N LYS F 45 -17.89 0.11 -8.51
CA LYS F 45 -17.03 -0.19 -9.65
C LYS F 45 -16.83 -1.68 -9.88
N GLU F 46 -15.95 -2.30 -9.10
CA GLU F 46 -15.67 -3.72 -9.24
C GLU F 46 -16.81 -4.71 -9.11
N ARG F 47 -17.93 -4.33 -8.48
CA ARG F 47 -19.07 -5.25 -8.35
C ARG F 47 -18.60 -6.63 -7.94
N PRO F 48 -18.14 -6.78 -6.69
CA PRO F 48 -17.66 -8.07 -6.20
C PRO F 48 -18.77 -9.10 -6.05
N ASP F 49 -18.36 -10.36 -5.94
CA ASP F 49 -19.29 -11.48 -5.80
C ASP F 49 -19.62 -11.68 -4.35
N LEU F 50 -18.59 -11.86 -3.53
CA LEU F 50 -18.74 -12.07 -2.10
C LEU F 50 -18.02 -10.97 -1.33
N VAL F 51 -18.56 -10.57 -0.19
CA VAL F 51 -17.92 -9.54 0.62
C VAL F 51 -17.81 -9.97 2.08
N LEU F 52 -16.61 -9.84 2.63
CA LEU F 52 -16.37 -10.16 4.05
C LEU F 52 -16.34 -8.82 4.74
N LEU F 53 -17.38 -8.53 5.52
CA LEU F 53 -17.51 -7.25 6.19
C LEU F 53 -17.34 -7.25 7.72
N BFD F 54 -16.43 -6.42 8.21
CA BFD F 54 -16.19 -6.29 9.64
C BFD F 54 -17.35 -5.43 10.12
O BFD F 54 -17.87 -4.64 9.36
CB BFD F 54 -14.85 -5.57 9.88
CG BFD F 54 -14.48 -5.41 11.36
OD1 BFD F 54 -14.54 -6.40 12.13
OD2 BFD F 54 -14.08 -4.28 11.73
BE BFD F 54 -15.02 -6.19 13.67
F1 BFD F 54 -14.60 -4.86 14.18
F2 BFD F 54 -14.40 -7.22 14.55
F3 BFD F 54 -16.50 -6.34 13.75
N MET F 55 -17.79 -5.59 11.36
CA MET F 55 -18.89 -4.78 11.85
C MET F 55 -18.41 -3.51 12.55
N LYS F 56 -17.37 -3.65 13.35
CA LYS F 56 -16.83 -2.52 14.07
C LYS F 56 -15.71 -1.85 13.27
N ILE F 57 -16.11 -0.84 12.52
CA ILE F 57 -15.22 -0.02 11.71
C ILE F 57 -15.49 1.41 12.19
N PRO F 58 -14.42 2.18 12.46
CA PRO F 58 -14.64 3.55 12.93
C PRO F 58 -15.20 4.47 11.83
N GLY F 59 -16.23 5.23 12.17
CA GLY F 59 -16.80 6.13 11.20
C GLY F 59 -18.13 5.67 10.66
N MET F 60 -18.12 4.58 9.93
CA MET F 60 -19.34 4.03 9.36
C MET F 60 -19.24 2.55 9.63
N ASP F 61 -20.09 2.04 10.50
CA ASP F 61 -20.05 0.63 10.86
C ASP F 61 -20.70 -0.30 9.81
N GLY F 62 -20.37 -1.58 9.92
CA GLY F 62 -20.87 -2.57 9.01
C GLY F 62 -22.35 -2.52 8.69
N ILE F 63 -23.20 -2.39 9.71
CA ILE F 63 -24.63 -2.35 9.45
C ILE F 63 -24.94 -1.21 8.51
N GLU F 64 -24.32 -0.08 8.76
CA GLU F 64 -24.54 1.08 7.91
C GLU F 64 -24.03 0.85 6.49
N ILE F 65 -22.84 0.29 6.34
CA ILE F 65 -22.33 0.05 4.99
C ILE F 65 -23.04 -1.15 4.35
N LEU F 66 -23.44 -2.12 5.15
CA LEU F 66 -24.11 -3.29 4.61
C LEU F 66 -25.44 -2.83 4.02
N LYS F 67 -26.04 -1.86 4.69
CA LYS F 67 -27.30 -1.27 4.28
C LYS F 67 -27.12 -0.54 2.95
N ARG F 68 -26.01 0.14 2.81
CA ARG F 68 -25.71 0.89 1.59
C ARG F 68 -25.29 -0.01 0.41
N MET F 69 -24.51 -1.04 0.68
CA MET F 69 -24.08 -1.92 -0.38
C MET F 69 -25.31 -2.49 -1.02
N LYS F 70 -26.34 -2.71 -0.19
CA LYS F 70 -27.60 -3.27 -0.66
C LYS F 70 -28.28 -2.35 -1.65
N VAL F 71 -28.21 -1.04 -1.41
CA VAL F 71 -28.83 -0.05 -2.30
C VAL F 71 -28.19 -0.17 -3.68
N ILE F 72 -26.88 -0.36 -3.70
CA ILE F 72 -26.16 -0.49 -4.95
C ILE F 72 -26.53 -1.79 -5.67
N ASP F 73 -26.23 -2.91 -5.04
CA ASP F 73 -26.51 -4.23 -5.59
C ASP F 73 -27.31 -5.10 -4.62
N GLU F 74 -28.63 -5.12 -4.78
CA GLU F 74 -29.52 -5.90 -3.91
C GLU F 74 -29.08 -7.35 -3.73
N ASN F 75 -28.43 -7.91 -4.74
CA ASN F 75 -27.98 -9.30 -4.68
C ASN F 75 -26.55 -9.41 -4.18
N ILE F 76 -26.17 -8.52 -3.27
CA ILE F 76 -24.81 -8.53 -2.75
C ILE F 76 -24.65 -9.65 -1.71
N ARG F 77 -23.68 -10.53 -1.93
CA ARG F 77 -23.46 -11.64 -1.01
C ARG F 77 -22.54 -11.16 0.09
N VAL F 78 -23.09 -11.07 1.30
CA VAL F 78 -22.27 -10.59 2.41
C VAL F 78 -22.11 -11.54 3.58
N ILE F 79 -20.86 -11.79 3.96
CA ILE F 79 -20.57 -12.61 5.11
C ILE F 79 -19.97 -11.64 6.13
N ILE F 80 -20.65 -11.42 7.24
CA ILE F 80 -20.11 -10.48 8.19
C ILE F 80 -19.23 -11.24 9.14
N MET F 81 -18.22 -10.54 9.67
CA MET F 81 -17.30 -11.12 10.63
C MET F 81 -17.14 -10.09 11.75
N THR F 82 -17.12 -10.56 12.99
CA THR F 82 -16.99 -9.64 14.11
C THR F 82 -16.66 -10.43 15.34
N ALA F 83 -16.56 -9.76 16.47
CA ALA F 83 -16.25 -10.47 17.70
C ALA F 83 -17.55 -10.95 18.31
N TYR F 84 -17.46 -12.06 19.05
CA TYR F 84 -18.62 -12.62 19.75
C TYR F 84 -19.12 -11.51 20.66
N GLY F 85 -20.42 -11.43 20.90
CA GLY F 85 -20.90 -10.39 21.79
C GLY F 85 -21.34 -9.12 21.10
N GLU F 86 -21.73 -9.29 19.84
CA GLU F 86 -22.20 -8.18 19.04
C GLU F 86 -23.52 -8.74 18.56
N LEU F 87 -24.29 -9.27 19.50
CA LEU F 87 -25.57 -9.88 19.18
C LEU F 87 -26.53 -8.99 18.42
N ASP F 88 -26.43 -7.69 18.66
CA ASP F 88 -27.28 -6.73 17.98
C ASP F 88 -27.02 -6.71 16.50
N MET F 89 -25.84 -6.23 16.12
CA MET F 89 -25.45 -6.15 14.72
C MET F 89 -25.53 -7.49 14.01
N ILE F 90 -25.15 -8.56 14.70
CA ILE F 90 -25.21 -9.87 14.08
C ILE F 90 -26.64 -10.17 13.69
N GLN F 91 -27.58 -9.81 14.55
CA GLN F 91 -28.98 -10.04 14.26
C GLN F 91 -29.45 -9.11 13.17
N GLU F 92 -29.13 -7.84 13.30
CA GLU F 92 -29.51 -6.83 12.31
C GLU F 92 -29.01 -7.19 10.91
N SER F 93 -27.76 -7.61 10.83
CA SER F 93 -27.16 -7.97 9.55
C SER F 93 -27.85 -9.18 8.95
N LYS F 94 -28.42 -10.02 9.80
CA LYS F 94 -29.10 -11.20 9.29
C LYS F 94 -30.41 -10.76 8.65
N GLU F 95 -31.11 -9.84 9.31
CA GLU F 95 -32.37 -9.35 8.80
C GLU F 95 -32.16 -8.54 7.53
N LEU F 96 -30.99 -7.91 7.41
CA LEU F 96 -30.68 -7.09 6.23
C LEU F 96 -30.24 -7.93 5.01
N GLY F 97 -30.01 -9.21 5.23
CA GLY F 97 -29.62 -10.07 4.13
C GLY F 97 -28.19 -10.50 4.09
N ALA F 98 -27.63 -10.82 5.24
CA ALA F 98 -26.26 -11.27 5.29
C ALA F 98 -26.32 -12.80 5.33
N LEU F 99 -25.59 -13.42 4.42
CA LEU F 99 -25.56 -14.87 4.34
C LEU F 99 -25.35 -15.49 5.71
N THR F 100 -24.20 -15.23 6.30
CA THR F 100 -23.89 -15.77 7.61
C THR F 100 -22.91 -14.87 8.34
N HIS F 101 -22.26 -15.39 9.38
CA HIS F 101 -21.30 -14.57 10.11
C HIS F 101 -20.24 -15.41 10.80
N PHE F 102 -19.10 -14.80 11.07
CA PHE F 102 -17.98 -15.47 11.71
C PHE F 102 -17.44 -14.63 12.83
N ALA F 103 -17.32 -15.24 13.99
CA ALA F 103 -16.81 -14.52 15.16
C ALA F 103 -15.30 -14.64 15.24
N LYS F 104 -14.64 -13.52 15.40
CA LYS F 104 -13.20 -13.52 15.52
C LYS F 104 -12.81 -14.02 16.90
N PRO F 105 -11.72 -14.79 17.00
CA PRO F 105 -10.83 -15.21 15.93
C PRO F 105 -11.28 -16.53 15.26
N PHE F 106 -11.74 -16.44 14.03
CA PHE F 106 -12.23 -17.58 13.30
C PHE F 106 -11.11 -18.45 12.72
N ASP F 107 -11.44 -19.68 12.34
CA ASP F 107 -10.48 -20.60 11.75
C ASP F 107 -10.24 -20.22 10.30
N ILE F 108 -9.00 -19.86 10.00
CA ILE F 108 -8.64 -19.47 8.65
C ILE F 108 -9.17 -20.48 7.65
N ASP F 109 -9.51 -21.68 8.14
CA ASP F 109 -9.99 -22.75 7.28
C ASP F 109 -11.46 -22.65 6.94
N GLU F 110 -12.32 -22.77 7.95
CA GLU F 110 -13.76 -22.73 7.71
C GLU F 110 -14.23 -21.43 7.05
N ILE F 111 -13.44 -20.37 7.12
CA ILE F 111 -13.84 -19.12 6.50
C ILE F 111 -13.72 -19.28 4.98
N ARG F 112 -12.63 -19.92 4.58
CA ARG F 112 -12.32 -20.18 3.19
C ARG F 112 -13.34 -21.15 2.56
N ASP F 113 -13.99 -21.94 3.40
CA ASP F 113 -14.99 -22.88 2.89
C ASP F 113 -16.29 -22.14 2.69
N ALA F 114 -16.69 -21.39 3.70
CA ALA F 114 -17.94 -20.63 3.65
C ALA F 114 -17.95 -19.72 2.44
N VAL F 115 -16.78 -19.32 1.96
CA VAL F 115 -16.75 -18.47 0.80
C VAL F 115 -16.94 -19.37 -0.42
N LYS F 116 -16.18 -20.47 -0.47
CA LYS F 116 -16.30 -21.41 -1.60
C LYS F 116 -17.73 -21.92 -1.62
N LYS F 117 -18.30 -22.08 -0.46
CA LYS F 117 -19.67 -22.55 -0.39
C LYS F 117 -20.57 -21.51 -1.07
N TYR F 118 -20.84 -20.43 -0.36
CA TYR F 118 -21.70 -19.33 -0.83
C TYR F 118 -21.37 -18.72 -2.21
N LEU F 119 -20.24 -19.13 -2.77
CA LEU F 119 -19.79 -18.64 -4.06
C LEU F 119 -19.96 -19.74 -5.13
N PRO F 120 -20.74 -19.45 -6.21
CA PRO F 120 -20.97 -20.44 -7.28
C PRO F 120 -19.68 -21.00 -7.93
N LEU F 121 -19.56 -20.86 -9.26
CA LEU F 121 -18.37 -21.32 -10.00
C LEU F 121 -17.95 -20.42 -11.18
N ASN G 3 9.08 -23.16 2.10
CA ASN G 3 8.45 -21.98 1.45
C ASN G 3 9.50 -20.89 1.20
N GLU G 4 9.74 -20.62 -0.07
CA GLU G 4 10.74 -19.64 -0.53
C GLU G 4 10.17 -18.24 -0.72
N LYS G 5 10.97 -17.22 -0.41
CA LYS G 5 10.53 -15.84 -0.55
C LYS G 5 11.32 -15.07 -1.60
N ILE G 6 10.62 -14.64 -2.65
CA ILE G 6 11.21 -13.89 -3.76
C ILE G 6 11.11 -12.38 -3.60
N LEU G 7 12.15 -11.68 -4.04
CA LEU G 7 12.21 -10.23 -3.95
C LEU G 7 12.25 -9.52 -5.30
N ILE G 8 11.26 -8.67 -5.55
CA ILE G 8 11.19 -7.91 -6.80
C ILE G 8 11.84 -6.57 -6.49
N VAL G 9 12.58 -6.01 -7.43
CA VAL G 9 13.23 -4.73 -7.16
C VAL G 9 13.23 -3.80 -8.36
N ASP G 10 12.07 -3.28 -8.70
CA ASP G 10 11.94 -2.38 -9.83
C ASP G 10 11.39 -1.03 -9.35
N ASP G 11 11.66 0.03 -10.10
CA ASP G 11 11.21 1.37 -9.76
C ASP G 11 9.82 1.67 -10.30
N GLN G 12 9.39 0.88 -11.28
CA GLN G 12 8.09 1.05 -11.89
C GLN G 12 7.08 0.31 -11.01
N SER G 13 6.49 1.04 -10.07
CA SER G 13 5.51 0.48 -9.15
C SER G 13 4.50 -0.41 -9.86
N GLY G 14 4.14 -0.03 -11.08
CA GLY G 14 3.18 -0.82 -11.84
C GLY G 14 3.70 -2.23 -12.06
N ILE G 15 5.00 -2.33 -12.32
CA ILE G 15 5.67 -3.61 -12.56
C ILE G 15 5.84 -4.29 -11.21
N ARG G 16 6.35 -3.52 -10.27
CA ARG G 16 6.59 -3.97 -8.91
C ARG G 16 5.32 -4.68 -8.45
N ILE G 17 4.17 -4.12 -8.78
CA ILE G 17 2.87 -4.71 -8.43
C ILE G 17 2.60 -5.91 -9.34
N LEU G 18 2.78 -5.69 -10.64
CA LEU G 18 2.55 -6.71 -11.65
C LEU G 18 3.22 -8.02 -11.31
N LEU G 19 4.53 -7.97 -11.09
CA LEU G 19 5.28 -9.17 -10.75
C LEU G 19 4.70 -9.78 -9.48
N ASN G 20 4.67 -8.97 -8.42
CA ASN G 20 4.14 -9.42 -7.15
C ASN G 20 2.88 -10.26 -7.38
N GLU G 21 1.88 -9.68 -8.03
CA GLU G 21 0.63 -10.40 -8.29
C GLU G 21 0.80 -11.66 -9.14
N VAL G 22 2.04 -12.10 -9.35
CA VAL G 22 2.27 -13.30 -10.13
C VAL G 22 2.83 -14.39 -9.22
N PHE G 23 3.99 -14.09 -8.64
CA PHE G 23 4.67 -15.02 -7.75
C PHE G 23 4.04 -15.06 -6.36
N ASN G 24 3.72 -13.89 -5.82
CA ASN G 24 3.10 -13.82 -4.50
C ASN G 24 1.69 -14.41 -4.59
N LYS G 25 1.29 -14.73 -5.81
CA LYS G 25 -0.01 -15.33 -6.05
C LYS G 25 0.26 -16.74 -6.59
N GLU G 26 1.38 -17.31 -6.18
CA GLU G 26 1.76 -18.65 -6.59
C GLU G 26 2.52 -19.40 -5.51
N GLY G 27 2.16 -19.14 -4.25
CA GLY G 27 2.80 -19.83 -3.15
C GLY G 27 4.16 -19.28 -2.72
N TYR G 28 4.54 -18.15 -3.29
CA TYR G 28 5.81 -17.51 -2.95
C TYR G 28 5.59 -16.27 -2.09
N GLN G 29 6.35 -16.15 -1.02
CA GLN G 29 6.25 -14.98 -0.15
C GLN G 29 6.94 -13.89 -0.93
N THR G 30 6.30 -12.73 -1.06
CA THR G 30 6.89 -11.66 -1.84
C THR G 30 7.08 -10.34 -1.12
N PHE G 31 8.26 -9.79 -1.29
CA PHE G 31 8.61 -8.51 -0.69
C PHE G 31 9.04 -7.60 -1.82
N GLN G 32 8.49 -6.39 -1.83
CA GLN G 32 8.79 -5.41 -2.86
C GLN G 32 9.80 -4.36 -2.43
N ALA G 33 10.78 -4.14 -3.29
CA ALA G 33 11.81 -3.15 -3.05
C ALA G 33 11.58 -2.03 -4.06
N ALA G 34 11.89 -0.80 -3.67
CA ALA G 34 11.72 0.34 -4.54
C ALA G 34 13.06 0.94 -4.89
N ASN G 35 14.00 0.81 -3.96
CA ASN G 35 15.34 1.36 -4.17
C ASN G 35 16.34 0.32 -3.71
N GLY G 36 17.62 0.63 -3.90
CA GLY G 36 18.68 -0.29 -3.50
C GLY G 36 18.66 -0.56 -2.01
N LEU G 37 18.32 0.47 -1.23
CA LEU G 37 18.27 0.32 0.21
C LEU G 37 17.05 -0.49 0.60
N GLN G 38 15.87 0.01 0.23
CA GLN G 38 14.63 -0.71 0.54
C GLN G 38 14.75 -2.16 0.09
N ALA G 39 15.76 -2.43 -0.73
CA ALA G 39 16.02 -3.78 -1.24
C ALA G 39 17.16 -4.39 -0.46
N LEU G 40 18.22 -3.61 -0.28
CA LEU G 40 19.40 -4.06 0.46
C LEU G 40 18.99 -4.40 1.89
N ASP G 41 17.95 -3.72 2.38
CA ASP G 41 17.44 -3.98 3.73
C ASP G 41 16.75 -5.33 3.77
N ILE G 42 15.78 -5.53 2.89
CA ILE G 42 15.02 -6.77 2.80
C ILE G 42 15.95 -7.98 2.67
N VAL G 43 16.98 -7.86 1.85
CA VAL G 43 17.92 -8.96 1.68
C VAL G 43 18.70 -9.15 2.96
N THR G 44 19.04 -8.03 3.60
CA THR G 44 19.77 -8.04 4.85
C THR G 44 18.90 -8.62 5.96
N LYS G 45 17.83 -7.89 6.29
CA LYS G 45 16.90 -8.30 7.34
C LYS G 45 15.74 -9.19 6.89
N GLU G 46 16.04 -10.22 6.12
CA GLU G 46 15.01 -11.14 5.64
C GLU G 46 15.59 -12.29 4.80
N ARG G 47 16.87 -12.17 4.45
CA ARG G 47 17.56 -13.20 3.67
C ARG G 47 16.61 -13.93 2.73
N PRO G 48 16.36 -13.35 1.55
CA PRO G 48 15.49 -13.92 0.52
C PRO G 48 16.20 -14.92 -0.36
N ASP G 49 15.41 -15.68 -1.13
CA ASP G 49 15.92 -16.68 -2.06
C ASP G 49 16.25 -16.06 -3.41
N LEU G 50 15.21 -15.88 -4.23
CA LEU G 50 15.35 -15.33 -5.58
C LEU G 50 15.16 -13.80 -5.62
N VAL G 51 15.79 -13.15 -6.60
CA VAL G 51 15.68 -11.70 -6.73
C VAL G 51 15.67 -11.21 -8.18
N LEU G 52 14.52 -10.71 -8.62
CA LEU G 52 14.36 -10.16 -9.97
C LEU G 52 14.68 -8.68 -9.84
N LEU G 53 15.82 -8.26 -10.40
CA LEU G 53 16.26 -6.88 -10.27
C LEU G 53 16.39 -6.01 -11.52
N BFD G 54 15.82 -4.81 -11.46
CA BFD G 54 15.88 -3.85 -12.57
C BFD G 54 17.34 -3.45 -12.64
O BFD G 54 18.16 -3.98 -11.89
CB BFD G 54 14.99 -2.64 -12.26
CG BFD G 54 14.94 -1.61 -13.40
OD1 BFD G 54 14.35 -1.90 -14.48
OD2 BFD G 54 15.49 -0.50 -13.21
BE BFD G 54 15.01 -1.35 -15.84
F1 BFD G 54 14.67 0.09 -16.07
F2 BFD G 54 14.50 -2.15 -16.99
F3 BFD G 54 16.50 -1.50 -15.79
N MET G 55 17.67 -2.51 -13.52
CA MET G 55 19.05 -2.04 -13.64
C MET G 55 19.08 -0.52 -13.66
N LYS G 56 18.14 0.06 -14.40
CA LYS G 56 18.03 1.51 -14.52
C LYS G 56 17.07 2.07 -13.49
N ILE G 57 17.61 2.51 -12.36
CA ILE G 57 16.82 3.09 -11.29
C ILE G 57 17.50 4.38 -10.86
N PRO G 58 16.71 5.42 -10.57
CA PRO G 58 17.27 6.72 -10.16
C PRO G 58 18.27 6.65 -9.02
N GLY G 59 19.38 7.39 -9.18
CA GLY G 59 20.41 7.44 -8.15
C GLY G 59 21.08 6.15 -7.76
N MET G 60 20.29 5.12 -7.49
CA MET G 60 20.83 3.82 -7.12
C MET G 60 20.69 2.87 -8.31
N ASP G 61 21.71 2.84 -9.16
CA ASP G 61 21.70 1.97 -10.32
C ASP G 61 21.60 0.52 -9.86
N GLY G 62 20.77 -0.26 -10.53
CA GLY G 62 20.58 -1.65 -10.16
C GLY G 62 21.81 -2.53 -10.28
N ILE G 63 22.97 -1.93 -10.47
CA ILE G 63 24.21 -2.70 -10.61
C ILE G 63 25.08 -2.58 -9.36
N GLU G 64 25.30 -1.36 -8.89
CA GLU G 64 26.11 -1.11 -7.70
C GLU G 64 25.53 -1.96 -6.56
N ILE G 65 24.21 -1.94 -6.47
CA ILE G 65 23.48 -2.69 -5.45
C ILE G 65 23.61 -4.20 -5.70
N LEU G 66 23.65 -4.57 -6.97
CA LEU G 66 23.78 -5.97 -7.35
C LEU G 66 24.95 -6.54 -6.55
N LYS G 67 25.94 -5.68 -6.32
CA LYS G 67 27.15 -6.05 -5.58
C LYS G 67 26.79 -6.40 -4.15
N ARG G 68 26.04 -5.51 -3.50
CA ARG G 68 25.62 -5.70 -2.12
C ARG G 68 25.04 -7.09 -1.85
N MET G 69 24.06 -7.50 -2.65
CA MET G 69 23.44 -8.81 -2.47
C MET G 69 24.44 -9.88 -2.05
N LYS G 70 25.27 -10.36 -2.98
CA LYS G 70 26.26 -11.38 -2.64
C LYS G 70 27.13 -10.94 -1.47
N VAL G 71 27.35 -9.63 -1.38
CA VAL G 71 28.14 -9.07 -0.28
C VAL G 71 27.47 -9.46 1.03
N ILE G 72 26.14 -9.33 1.03
CA ILE G 72 25.31 -9.65 2.18
C ILE G 72 24.97 -11.14 2.22
N ASP G 73 24.81 -11.73 1.04
CA ASP G 73 24.51 -13.16 0.93
C ASP G 73 25.03 -13.70 -0.39
N GLU G 74 26.18 -14.37 -0.32
CA GLU G 74 26.87 -14.94 -1.47
C GLU G 74 26.06 -16.04 -2.15
N ASN G 75 25.20 -16.71 -1.40
CA ASN G 75 24.39 -17.78 -1.97
C ASN G 75 23.08 -17.24 -2.51
N ILE G 76 23.12 -16.01 -3.04
CA ILE G 76 21.93 -15.39 -3.60
C ILE G 76 21.63 -15.91 -5.01
N ARG G 77 20.55 -15.39 -5.61
CA ARG G 77 20.13 -15.76 -6.95
C ARG G 77 19.32 -14.60 -7.55
N VAL G 78 19.98 -13.81 -8.41
CA VAL G 78 19.34 -12.64 -9.03
C VAL G 78 19.18 -12.67 -10.55
N ILE G 79 17.94 -12.47 -11.01
CA ILE G 79 17.64 -12.41 -12.43
C ILE G 79 17.47 -10.93 -12.73
N ILE G 80 18.00 -10.46 -13.86
CA ILE G 80 17.93 -9.03 -14.20
C ILE G 80 16.80 -8.65 -15.17
N MET G 81 16.46 -7.36 -15.17
CA MET G 81 15.40 -6.83 -16.03
C MET G 81 15.87 -5.53 -16.67
N THR G 82 15.62 -5.39 -17.97
CA THR G 82 16.01 -4.18 -18.71
C THR G 82 15.67 -4.30 -20.20
N ALA G 83 15.41 -3.15 -20.83
CA ALA G 83 15.10 -3.10 -22.26
C ALA G 83 16.42 -2.88 -23.01
N TYR G 84 16.65 -3.71 -24.02
CA TYR G 84 17.88 -3.69 -24.83
C TYR G 84 18.75 -2.44 -24.84
N GLY G 85 18.13 -1.26 -24.90
CA GLY G 85 18.89 -0.01 -24.91
C GLY G 85 20.38 -0.09 -24.65
N GLU G 86 20.74 -0.68 -23.51
CA GLU G 86 22.15 -0.84 -23.12
C GLU G 86 22.36 -2.28 -22.66
N LEU G 87 23.57 -2.80 -22.87
CA LEU G 87 23.85 -4.18 -22.47
C LEU G 87 25.12 -4.35 -21.62
N ASP G 88 26.01 -3.37 -21.64
CA ASP G 88 27.25 -3.45 -20.86
C ASP G 88 26.99 -3.70 -19.38
N MET G 89 25.76 -3.44 -18.98
CA MET G 89 25.33 -3.63 -17.61
C MET G 89 24.84 -5.06 -17.47
N ILE G 90 24.26 -5.56 -18.56
CA ILE G 90 23.71 -6.92 -18.61
C ILE G 90 24.77 -8.01 -18.59
N GLN G 91 25.91 -7.75 -19.23
CA GLN G 91 26.97 -8.75 -19.29
C GLN G 91 27.71 -9.02 -17.99
N GLU G 92 28.49 -8.03 -17.52
CA GLU G 92 29.26 -8.18 -16.29
C GLU G 92 28.44 -8.85 -15.19
N SER G 93 27.14 -8.57 -15.21
CA SER G 93 26.21 -9.12 -14.22
C SER G 93 25.91 -10.61 -14.38
N LYS G 94 26.24 -11.17 -15.54
CA LYS G 94 25.99 -12.58 -15.78
C LYS G 94 27.12 -13.46 -15.22
N GLU G 95 28.31 -12.87 -15.10
CA GLU G 95 29.47 -13.57 -14.58
C GLU G 95 29.52 -13.42 -13.06
N LEU G 96 28.66 -12.55 -12.54
CA LEU G 96 28.59 -12.30 -11.11
C LEU G 96 27.58 -13.28 -10.50
N GLY G 97 27.09 -14.20 -11.33
CA GLY G 97 26.13 -15.18 -10.86
C GLY G 97 24.73 -14.70 -11.18
N ALA G 98 24.34 -14.80 -12.45
CA ALA G 98 23.02 -14.37 -12.90
C ALA G 98 22.29 -15.52 -13.59
N LEU G 99 21.35 -16.12 -12.87
CA LEU G 99 20.56 -17.24 -13.36
C LEU G 99 20.04 -17.02 -14.78
N THR G 100 20.01 -15.76 -15.20
CA THR G 100 19.56 -15.36 -16.53
C THR G 100 19.40 -13.85 -16.61
N HIS G 101 18.33 -13.42 -17.28
CA HIS G 101 18.04 -12.01 -17.45
C HIS G 101 16.94 -11.90 -18.50
N PHE G 102 15.94 -11.05 -18.23
CA PHE G 102 14.81 -10.86 -19.14
C PHE G 102 14.65 -9.40 -19.53
N ALA G 103 14.59 -9.16 -20.84
CA ALA G 103 14.44 -7.81 -21.32
C ALA G 103 12.97 -7.42 -21.42
N LYS G 104 12.63 -6.28 -20.84
CA LYS G 104 11.25 -5.82 -20.86
C LYS G 104 10.99 -4.97 -22.10
N PRO G 105 9.77 -5.07 -22.65
CA PRO G 105 8.63 -5.88 -22.20
C PRO G 105 8.74 -7.39 -22.28
N PHE G 106 9.39 -7.98 -21.26
CA PHE G 106 9.54 -9.43 -21.20
C PHE G 106 8.15 -9.97 -20.94
N ASP G 107 8.00 -11.28 -20.98
CA ASP G 107 6.68 -11.87 -20.76
C ASP G 107 6.46 -12.43 -19.36
N ILE G 108 5.21 -12.76 -19.06
CA ILE G 108 4.83 -13.32 -17.76
C ILE G 108 5.28 -14.78 -17.70
N ASP G 109 4.54 -15.63 -18.40
CA ASP G 109 4.82 -17.07 -18.45
C ASP G 109 6.30 -17.38 -18.62
N GLU G 110 6.96 -16.65 -19.51
CA GLU G 110 8.38 -16.83 -19.77
C GLU G 110 9.19 -16.73 -18.47
N ILE G 111 8.86 -15.72 -17.66
CA ILE G 111 9.55 -15.51 -16.40
C ILE G 111 8.89 -16.34 -15.30
N ARG G 112 7.59 -16.61 -15.44
CA ARG G 112 6.90 -17.42 -14.45
C ARG G 112 7.40 -18.86 -14.61
N ASP G 113 8.37 -19.02 -15.49
CA ASP G 113 9.00 -20.31 -15.75
C ASP G 113 10.37 -20.30 -15.11
N ALA G 114 11.26 -19.50 -15.67
CA ALA G 114 12.63 -19.37 -15.18
C ALA G 114 12.75 -19.52 -13.67
N VAL G 115 11.74 -19.04 -12.95
CA VAL G 115 11.74 -19.15 -11.49
C VAL G 115 11.31 -20.54 -11.05
N LYS G 116 10.14 -21.00 -11.49
CA LYS G 116 9.68 -22.33 -11.12
C LYS G 116 10.72 -23.33 -11.61
N LYS G 117 11.46 -22.94 -12.65
CA LYS G 117 12.54 -23.76 -13.19
C LYS G 117 13.52 -23.93 -12.04
N TYR G 118 13.55 -22.93 -11.15
CA TYR G 118 14.41 -22.97 -9.99
C TYR G 118 13.53 -23.12 -8.75
N LEU G 119 12.54 -24.01 -8.82
CA LEU G 119 11.65 -24.24 -7.68
C LEU G 119 12.54 -24.88 -6.61
N PRO G 120 12.69 -24.20 -5.46
CA PRO G 120 13.48 -24.56 -4.27
C PRO G 120 13.72 -26.05 -3.92
N LEU G 121 15.00 -26.42 -3.87
CA LEU G 121 15.46 -27.77 -3.54
C LEU G 121 16.93 -27.73 -3.07
N ASN H 3 -25.98 0.17 -45.72
CA ASN H 3 -25.98 0.77 -47.09
C ASN H 3 -25.47 2.22 -47.06
N GLU H 4 -25.14 2.70 -45.86
CA GLU H 4 -24.63 4.04 -45.68
C GLU H 4 -23.11 4.03 -45.80
N LYS H 5 -22.59 4.85 -46.69
CA LYS H 5 -21.16 4.92 -46.95
C LYS H 5 -20.33 5.79 -45.99
N ILE H 6 -19.24 5.21 -45.48
CA ILE H 6 -18.33 5.92 -44.57
C ILE H 6 -16.90 5.81 -45.06
N LEU H 7 -16.22 6.95 -45.21
CA LEU H 7 -14.85 6.94 -45.67
C LEU H 7 -13.89 7.13 -44.50
N ILE H 8 -12.88 6.28 -44.41
CA ILE H 8 -11.89 6.36 -43.35
C ILE H 8 -10.62 6.87 -44.02
N VAL H 9 -10.04 7.95 -43.50
CA VAL H 9 -8.82 8.49 -44.08
C VAL H 9 -7.73 8.68 -43.04
N ASP H 10 -6.74 7.80 -43.05
CA ASP H 10 -5.64 7.85 -42.10
C ASP H 10 -4.41 7.21 -42.72
N ASP H 11 -3.25 7.82 -42.52
CA ASP H 11 -2.01 7.28 -43.07
C ASP H 11 -1.66 6.02 -42.32
N GLN H 12 -1.99 6.02 -41.03
CA GLN H 12 -1.72 4.91 -40.14
C GLN H 12 -2.62 3.74 -40.52
N SER H 13 -2.04 2.74 -41.17
CA SER H 13 -2.77 1.57 -41.60
C SER H 13 -3.62 0.91 -40.53
N GLY H 14 -2.96 0.49 -39.45
CA GLY H 14 -3.66 -0.16 -38.35
C GLY H 14 -4.93 0.54 -37.94
N ILE H 15 -4.90 1.87 -37.94
CA ILE H 15 -6.08 2.65 -37.59
C ILE H 15 -7.21 2.46 -38.61
N ARG H 16 -6.86 2.42 -39.90
CA ARG H 16 -7.87 2.22 -40.92
C ARG H 16 -8.50 0.87 -40.70
N ILE H 17 -7.67 -0.17 -40.58
CA ILE H 17 -8.17 -1.53 -40.35
C ILE H 17 -9.08 -1.58 -39.13
N LEU H 18 -8.65 -0.93 -38.04
CA LEU H 18 -9.41 -0.87 -36.79
C LEU H 18 -10.81 -0.33 -37.02
N LEU H 19 -10.89 0.91 -37.48
CA LEU H 19 -12.17 1.58 -37.72
C LEU H 19 -13.04 0.84 -38.71
N ASN H 20 -12.42 0.34 -39.77
CA ASN H 20 -13.15 -0.37 -40.80
C ASN H 20 -13.88 -1.58 -40.22
N GLU H 21 -13.18 -2.33 -39.36
CA GLU H 21 -13.76 -3.51 -38.74
C GLU H 21 -14.79 -3.11 -37.69
N VAL H 22 -14.94 -1.80 -37.49
CA VAL H 22 -15.90 -1.28 -36.52
C VAL H 22 -17.25 -0.97 -37.15
N PHE H 23 -17.23 -0.17 -38.21
CA PHE H 23 -18.45 0.20 -38.87
C PHE H 23 -19.05 -0.91 -39.69
N ASN H 24 -18.38 -2.06 -39.76
CA ASN H 24 -18.94 -3.19 -40.49
C ASN H 24 -19.87 -3.94 -39.55
N LYS H 25 -19.53 -3.92 -38.26
CA LYS H 25 -20.36 -4.56 -37.25
C LYS H 25 -21.65 -3.77 -37.15
N GLU H 26 -21.63 -2.56 -37.71
CA GLU H 26 -22.78 -1.67 -37.70
C GLU H 26 -23.46 -1.64 -39.08
N GLY H 27 -23.15 -2.63 -39.92
CA GLY H 27 -23.76 -2.72 -41.23
C GLY H 27 -23.57 -1.51 -42.14
N TYR H 28 -22.43 -0.84 -42.03
CA TYR H 28 -22.12 0.32 -42.87
C TYR H 28 -21.26 -0.12 -44.03
N GLN H 29 -21.28 0.67 -45.09
CA GLN H 29 -20.48 0.38 -46.27
C GLN H 29 -19.21 1.20 -46.05
N THR H 30 -18.13 0.52 -45.67
CA THR H 30 -16.85 1.18 -45.38
C THR H 30 -15.86 1.27 -46.53
N PHE H 31 -15.19 2.42 -46.58
CA PHE H 31 -14.18 2.70 -47.59
C PHE H 31 -12.98 3.25 -46.86
N GLN H 32 -11.80 3.14 -47.45
CA GLN H 32 -10.63 3.68 -46.77
C GLN H 32 -9.50 4.11 -47.68
N ALA H 33 -8.94 5.28 -47.37
CA ALA H 33 -7.85 5.84 -48.15
C ALA H 33 -6.69 6.08 -47.21
N ALA H 34 -5.48 5.84 -47.72
CA ALA H 34 -4.30 6.04 -46.91
C ALA H 34 -3.79 7.44 -47.12
N ASN H 35 -4.21 8.11 -48.19
CA ASN H 35 -3.73 9.46 -48.42
C ASN H 35 -4.72 10.39 -49.11
N GLY H 36 -4.37 11.69 -49.10
CA GLY H 36 -5.22 12.71 -49.68
C GLY H 36 -5.83 12.36 -51.03
N LEU H 37 -4.99 12.22 -52.05
CA LEU H 37 -5.49 11.90 -53.40
C LEU H 37 -6.40 10.67 -53.42
N GLN H 38 -5.98 9.59 -52.77
CA GLN H 38 -6.81 8.39 -52.73
C GLN H 38 -8.19 8.70 -52.17
N ALA H 39 -8.23 9.55 -51.16
CA ALA H 39 -9.49 9.92 -50.54
C ALA H 39 -10.34 10.72 -51.53
N LEU H 40 -9.79 11.82 -52.03
CA LEU H 40 -10.51 12.67 -52.97
C LEU H 40 -11.15 11.87 -54.09
N ASP H 41 -10.50 10.80 -54.53
CA ASP H 41 -11.06 9.98 -55.59
C ASP H 41 -12.27 9.24 -55.07
N ILE H 42 -12.08 8.53 -53.97
CA ILE H 42 -13.17 7.77 -53.38
C ILE H 42 -14.37 8.68 -53.08
N VAL H 43 -14.11 9.96 -52.77
CA VAL H 43 -15.21 10.90 -52.50
C VAL H 43 -15.88 11.24 -53.83
N THR H 44 -15.08 11.53 -54.83
CA THR H 44 -15.62 11.85 -56.15
C THR H 44 -16.51 10.71 -56.58
N LYS H 45 -15.91 9.54 -56.78
CA LYS H 45 -16.64 8.37 -57.23
C LYS H 45 -17.75 7.85 -56.32
N GLU H 46 -17.38 7.31 -55.16
CA GLU H 46 -18.38 6.76 -54.24
C GLU H 46 -19.31 7.75 -53.55
N ARG H 47 -18.89 9.02 -53.41
CA ARG H 47 -19.74 10.00 -52.76
C ARG H 47 -20.21 9.48 -51.40
N PRO H 48 -19.30 9.42 -50.42
CA PRO H 48 -19.65 8.91 -49.08
C PRO H 48 -20.51 9.86 -48.26
N ASP H 49 -21.23 9.27 -47.32
CA ASP H 49 -22.10 10.04 -46.44
C ASP H 49 -21.24 10.75 -45.41
N LEU H 50 -20.50 9.95 -44.64
CA LEU H 50 -19.64 10.47 -43.58
C LEU H 50 -18.19 10.14 -43.88
N VAL H 51 -17.30 10.96 -43.35
CA VAL H 51 -15.87 10.77 -43.54
C VAL H 51 -15.09 11.02 -42.25
N LEU H 52 -14.30 10.03 -41.84
CA LEU H 52 -13.45 10.16 -40.66
C LEU H 52 -12.10 10.52 -41.23
N LEU H 53 -11.68 11.76 -40.98
CA LEU H 53 -10.44 12.27 -41.52
C LEU H 53 -9.31 12.49 -40.52
N BFD H 54 -8.14 11.93 -40.80
CA BFD H 54 -6.98 12.10 -39.92
C BFD H 54 -6.41 13.46 -40.31
O BFD H 54 -6.52 13.84 -41.48
CB BFD H 54 -5.95 10.99 -40.17
CG BFD H 54 -4.70 11.12 -39.30
OD1 BFD H 54 -4.84 11.13 -38.05
OD2 BFD H 54 -3.60 11.17 -39.88
BE BFD H 54 -3.84 12.06 -37.18
F1 BFD H 54 -2.46 12.02 -37.74
F2 BFD H 54 -3.80 11.54 -35.78
F3 BFD H 54 -4.32 13.48 -37.16
N MET H 55 -5.83 14.19 -39.37
CA MET H 55 -5.27 15.51 -39.71
C MET H 55 -3.80 15.44 -40.11
N LYS H 56 -3.05 14.59 -39.43
CA LYS H 56 -1.63 14.43 -39.74
C LYS H 56 -1.39 13.26 -40.68
N ILE H 57 -1.37 13.57 -41.98
CA ILE H 57 -1.13 12.60 -43.03
C ILE H 57 0.04 13.15 -43.82
N PRO H 58 1.02 12.31 -44.18
CA PRO H 58 2.16 12.79 -44.94
C PRO H 58 1.84 13.18 -46.38
N GLY H 59 2.27 14.36 -46.78
CA GLY H 59 2.02 14.81 -48.13
C GLY H 59 0.92 15.85 -48.22
N MET H 60 -0.32 15.41 -47.99
CA MET H 60 -1.45 16.30 -48.03
C MET H 60 -2.21 16.12 -46.71
N ASP H 61 -2.09 17.10 -45.80
CA ASP H 61 -2.76 16.99 -44.50
C ASP H 61 -4.27 17.19 -44.53
N GLY H 62 -4.94 16.75 -43.47
CA GLY H 62 -6.38 16.86 -43.35
C GLY H 62 -7.03 18.18 -43.76
N ILE H 63 -6.52 19.30 -43.27
CA ILE H 63 -7.09 20.59 -43.61
C ILE H 63 -7.08 20.80 -45.11
N GLU H 64 -6.01 20.37 -45.77
CA GLU H 64 -5.91 20.52 -47.21
C GLU H 64 -6.94 19.65 -47.92
N ILE H 65 -7.01 18.37 -47.55
CA ILE H 65 -7.96 17.49 -48.20
C ILE H 65 -9.41 17.79 -47.80
N LEU H 66 -9.61 18.24 -46.57
CA LEU H 66 -10.96 18.56 -46.10
C LEU H 66 -11.46 19.75 -46.91
N LYS H 67 -10.53 20.63 -47.27
CA LYS H 67 -10.83 21.82 -48.05
C LYS H 67 -11.21 21.38 -49.47
N ARG H 68 -10.49 20.39 -49.99
CA ARG H 68 -10.75 19.86 -51.33
C ARG H 68 -12.03 19.04 -51.42
N MET H 69 -12.27 18.20 -50.42
CA MET H 69 -13.48 17.39 -50.41
C MET H 69 -14.67 18.35 -50.47
N LYS H 70 -14.54 19.52 -49.85
CA LYS H 70 -15.61 20.52 -49.84
C LYS H 70 -15.92 20.98 -51.26
N VAL H 71 -14.87 21.21 -52.04
CA VAL H 71 -15.03 21.64 -53.42
C VAL H 71 -15.88 20.65 -54.20
N ILE H 72 -15.64 19.36 -53.98
CA ILE H 72 -16.39 18.31 -54.67
C ILE H 72 -17.84 18.24 -54.16
N ASP H 73 -18.00 18.04 -52.86
CA ASP H 73 -19.32 17.96 -52.24
C ASP H 73 -19.44 18.87 -51.03
N GLU H 74 -19.95 20.08 -51.23
CA GLU H 74 -20.12 21.04 -50.16
C GLU H 74 -20.82 20.48 -48.91
N ASN H 75 -21.74 19.54 -49.12
CA ASN H 75 -22.49 18.93 -48.01
C ASN H 75 -21.81 17.69 -47.46
N ILE H 76 -20.48 17.67 -47.53
CA ILE H 76 -19.71 16.54 -47.05
C ILE H 76 -19.64 16.53 -45.52
N ARG H 77 -20.11 15.43 -44.93
CA ARG H 77 -20.10 15.29 -43.48
C ARG H 77 -18.71 14.81 -43.07
N VAL H 78 -17.95 15.64 -42.40
CA VAL H 78 -16.61 15.23 -41.98
C VAL H 78 -16.37 15.34 -40.49
N ILE H 79 -15.91 14.24 -39.90
CA ILE H 79 -15.57 14.21 -38.49
C ILE H 79 -14.06 14.04 -38.53
N ILE H 80 -13.31 15.04 -38.06
CA ILE H 80 -11.87 14.92 -38.07
C ILE H 80 -11.43 14.19 -36.80
N MET H 81 -10.27 13.55 -36.86
CA MET H 81 -9.73 12.86 -35.71
C MET H 81 -8.24 13.12 -35.74
N THR H 82 -7.67 13.33 -34.55
CA THR H 82 -6.24 13.59 -34.46
C THR H 82 -5.82 13.54 -33.01
N ALA H 83 -4.56 13.82 -32.74
CA ALA H 83 -4.07 13.78 -31.38
C ALA H 83 -4.32 15.12 -30.71
N TYR H 84 -4.47 15.10 -29.40
CA TYR H 84 -4.68 16.31 -28.63
C TYR H 84 -3.45 17.16 -28.91
N GLY H 85 -3.57 18.47 -28.84
CA GLY H 85 -2.42 19.31 -29.09
C GLY H 85 -2.27 19.70 -30.55
N GLU H 86 -3.39 19.74 -31.25
CA GLU H 86 -3.43 20.12 -32.65
C GLU H 86 -4.55 21.16 -32.70
N LEU H 87 -4.49 22.08 -31.74
CA LEU H 87 -5.50 23.14 -31.61
C LEU H 87 -5.70 23.97 -32.88
N ASP H 88 -4.65 24.10 -33.68
CA ASP H 88 -4.72 24.86 -34.93
C ASP H 88 -5.70 24.21 -35.90
N MET H 89 -5.30 23.07 -36.44
CA MET H 89 -6.11 22.34 -37.39
C MET H 89 -7.51 22.02 -36.85
N ILE H 90 -7.60 21.70 -35.56
CA ILE H 90 -8.90 21.40 -34.96
C ILE H 90 -9.82 22.61 -35.09
N GLN H 91 -9.24 23.80 -34.99
CA GLN H 91 -10.02 25.03 -35.11
C GLN H 91 -10.31 25.32 -36.58
N GLU H 92 -9.28 25.22 -37.41
CA GLU H 92 -9.42 25.46 -38.84
C GLU H 92 -10.50 24.56 -39.44
N SER H 93 -10.46 23.27 -39.09
CA SER H 93 -11.42 22.31 -39.59
C SER H 93 -12.84 22.64 -39.16
N LYS H 94 -12.97 23.25 -37.99
CA LYS H 94 -14.29 23.60 -37.48
C LYS H 94 -14.89 24.73 -38.32
N GLU H 95 -14.05 25.70 -38.64
CA GLU H 95 -14.48 26.83 -39.45
C GLU H 95 -14.76 26.41 -40.88
N LEU H 96 -14.08 25.36 -41.36
CA LEU H 96 -14.24 24.87 -42.72
C LEU H 96 -15.46 23.98 -42.93
N GLY H 97 -16.09 23.57 -41.84
CA GLY H 97 -17.27 22.73 -41.96
C GLY H 97 -17.13 21.31 -41.44
N ALA H 98 -16.39 21.13 -40.35
CA ALA H 98 -16.23 19.81 -39.77
C ALA H 98 -17.22 19.64 -38.63
N LEU H 99 -18.09 18.64 -38.75
CA LEU H 99 -19.08 18.37 -37.73
C LEU H 99 -18.49 18.47 -36.33
N THR H 100 -17.54 17.59 -36.02
CA THR H 100 -16.90 17.57 -34.70
C THR H 100 -15.47 17.03 -34.82
N HIS H 101 -14.90 16.57 -33.71
N HIS H 101 -14.90 16.57 -33.71
CA HIS H 101 -13.55 16.04 -33.73
CA HIS H 101 -13.55 16.03 -33.72
C HIS H 101 -13.35 15.07 -32.59
C HIS H 101 -13.37 15.04 -32.60
N PHE H 102 -12.43 14.12 -32.77
CA PHE H 102 -12.13 13.12 -31.77
C PHE H 102 -10.62 13.08 -31.59
N ALA H 103 -10.19 13.13 -30.34
CA ALA H 103 -8.77 13.11 -30.02
C ALA H 103 -8.32 11.67 -29.78
N LYS H 104 -7.26 11.26 -30.45
CA LYS H 104 -6.74 9.92 -30.29
C LYS H 104 -6.00 9.87 -28.96
N PRO H 105 -6.07 8.75 -28.24
CA PRO H 105 -6.81 7.54 -28.62
C PRO H 105 -8.25 7.59 -28.10
N PHE H 106 -9.20 7.66 -29.02
CA PHE H 106 -10.61 7.73 -28.68
C PHE H 106 -11.23 6.38 -28.34
N ASP H 107 -12.38 6.44 -27.68
CA ASP H 107 -13.11 5.25 -27.29
C ASP H 107 -13.84 4.68 -28.48
N ILE H 108 -13.45 3.48 -28.89
CA ILE H 108 -14.06 2.82 -30.04
C ILE H 108 -15.58 2.90 -29.97
N ASP H 109 -16.10 3.19 -28.78
CA ASP H 109 -17.54 3.27 -28.60
C ASP H 109 -18.13 4.62 -29.00
N GLU H 110 -17.77 5.67 -28.28
CA GLU H 110 -18.31 6.98 -28.59
C GLU H 110 -18.13 7.42 -30.04
N ILE H 111 -17.11 6.92 -30.71
CA ILE H 111 -16.89 7.29 -32.10
C ILE H 111 -17.97 6.68 -32.97
N ARG H 112 -18.39 5.47 -32.61
CA ARG H 112 -19.41 4.73 -33.34
C ARG H 112 -20.79 5.37 -33.15
N ASP H 113 -20.93 6.13 -32.08
CA ASP H 113 -22.18 6.80 -31.80
C ASP H 113 -22.20 8.08 -32.62
N ALA H 114 -21.15 8.88 -32.48
CA ALA H 114 -21.05 10.13 -33.21
C ALA H 114 -21.39 9.91 -34.68
N VAL H 115 -21.02 8.75 -35.21
CA VAL H 115 -21.31 8.46 -36.60
C VAL H 115 -22.80 8.14 -36.76
N LYS H 116 -23.30 7.22 -35.94
CA LYS H 116 -24.71 6.86 -36.01
C LYS H 116 -25.54 8.13 -35.78
N LYS H 117 -24.99 9.03 -34.97
CA LYS H 117 -25.63 10.31 -34.68
C LYS H 117 -25.68 11.11 -35.97
N TYR H 118 -24.54 11.73 -36.30
CA TYR H 118 -24.39 12.57 -37.48
C TYR H 118 -24.88 11.93 -38.77
N LEU H 119 -25.20 10.65 -38.72
CA LEU H 119 -25.66 9.92 -39.89
C LEU H 119 -27.16 9.59 -39.81
N PRO H 120 -27.95 10.09 -40.78
CA PRO H 120 -29.40 9.86 -40.83
C PRO H 120 -29.81 8.36 -40.75
N LEU H 121 -30.66 7.96 -41.69
CA LEU H 121 -31.16 6.58 -41.74
C LEU H 121 -31.24 5.99 -43.16
MG MG I . 1.12 -13.63 38.00
MG MG J . -12.52 -3.98 13.40
MG MG K . 13.05 0.50 -13.97
MG MG L . -1.73 9.96 -38.82
#